data_6UUS
#
_entry.id   6UUS
#
_cell.length_a   1.00
_cell.length_b   1.00
_cell.length_c   1.00
_cell.angle_alpha   90.00
_cell.angle_beta   90.00
_cell.angle_gamma   90.00
#
_symmetry.space_group_name_H-M   'P 1'
#
loop_
_entity.id
_entity.type
_entity.pdbx_description
1 polymer 'Guanine nucleotide-binding protein G(s) subunit alpha isoforms short'
2 polymer 'Guanine nucleotide-binding protein G(I)/G(S)/G(T) subunit beta-1'
3 polymer 'Guanine nucleotide-binding protein G(I)/G(S)/G(O) subunit gamma-2'
4 polymer 'Nanobody 35'
5 polymer ADM
6 polymer 'Calcitonin gene-related peptide type 1 receptor'
7 polymer 'Receptor activity-modifying protein 3'
#
loop_
_entity_poly.entity_id
_entity_poly.type
_entity_poly.pdbx_seq_one_letter_code
_entity_poly.pdbx_strand_id
1 'polypeptide(L)'
;MGCLGNSKTEDQRNEEKAQREANKKIEKQLQKDKQVYRATHRLLLLGAGESGKNTIVKQMRILHVNGFNGEGGEEDPQAA
RSNSDGEKATKVQDIKNNLKEAIETIVAAMSNLVPPVELANPENQFRVDYILSVMNVPDFDFPPEFYEHAKALWEDEGVR
ACYERSNEYQLIDCAQYFLDKIDVIKQADYVPSDQDLLRCRVLTSGIFETKFQVDKVNFHMFDVGAQRDERRKWIQCFND
VTAIIFVVASSSYNMVIREDNQTNRLQAALKLFDSIWNNKWLRDTSVILFLNKQDLLAEKVLAGKSKIEDYFPEFARYTT
PEDATPEPGEDPRVTRAKYFIRDEFLRISTASGDGRHYCYPHFTCAVDTENIRRVFNDCRDIIQRMHLRQYELL
;
A
2 'polypeptide(L)'
;MHHHHHHGSSGSELDQLRQEAEQLKNQIRDARKACADATLSQITNNIDPVGRIQMRTRRTLRGHLAKIYAMHWGTDSRLL
VSASQDGKLIIWDSYTTNKVHAIPLRSSWVMTCAYAPSGNYVACGGLDNICSIYNLKTREGNVRVSRELAGHTGYLSCCR
FLDDNQIVTSSGDTTCALWDIETGQQTTTFTGHTGDVMSLSLAPDTRLFVSGACDASAKLWDVREGMCRQTFTGHESDIN
AICFFPNGNAFATGSDDATCRLFDLRADQELMTYSHDNIICGITSVSFSKSGRLLLAGYDDFNCNVWDALKADRAGVLAG
HDNRVSCLGVTDDGMAVATGSWDSFLKIWN
;
B
3 'polypeptide(L)' MASNNTASIAQARKLVEQLKMEANIDRIKVSKAAADLMAYCEAHAKEDPLLTPVPASENPFREKKFFCAIL G
4 'polypeptide(L)'
;QVQLQESGGGLVQPGGSLRLSCAASGFTFSNYKMNWVRQAPGKGLEWVSDISQSGASISYTGSVKGRFTISRDNAKNTLY
LQMNSLKPEDTAVYYCARCPAPFTRDCFDVTSTTYAYRGQGTQVTVSSHHHHHHEPEA
;
N
5 'polypeptide(L)' YRQSMNNFQGLRSFGCRFGTCTVQKLAHQIYQFTDKDKDNVAPRSKISPQGY(NH2) P
6 'polypeptide(L)'
;MKTIIALSYIFCLVFADYKDDDDLEVLFQGPAELEESPEDSIQLGVTRNKIMTAQYECYQKIMQDPIQQAEGVYCNRTWD
GWLCWNDVAAGTESMQLCPDYFQDFDPSEKVTKICDQDGNWFRHPASNRTWTNYTQCNVNTHEKVKTALNLFYLTIIGHG
LSIASLLISLGIFFYFKSLSCQRITLHKNLFFSFVCNSVVTIIHLTAVANNQALVATNPVSCKVSQFIHLYLMGCNYFWM
LCEGIYLHTLIVVAVFAEKQHLMWYYFLGWGFPLIPACIHAIARSLYYNDNCWISSDTHLLYIIHGPICAALLVNLFFLL
NIVRVLITKLKVTHQAESNLYMKAVRATLILVPLLGIEFVLIPWRPEGKIAEEVYDYIMHILMHFQGLLVSTIFCFFNGE
VQAILRRNWNQYKIQFGNSFSNSEALRSASYTVSTISDGPGYSHDCPSEHLNGKSIHDIENVLLKPENLYNPAGLEVLFQ
GPHHHHHHHH
;
R
7 'polypeptide(L)'
;MKTIIALSYIFCLVFADYKDDDDKRAGGCNETGMLERLPLCGKAFADMMGKVDVWKWCNLSEFIVYYESFTNCTEMEANV
VGCYWPNPLAQGFITGIHRQFFSNCTVDRVHLEDPPDEVLIPLIVIPVVLTVAMAGLVVWRSKRTDTLL
;
E
#
# COMPACT_ATOMS: atom_id res chain seq x y z
N GLU A 16 23.63 -22.66 16.50
CA GLU A 16 22.40 -22.06 15.98
C GLU A 16 21.90 -20.97 16.91
N LYS A 17 22.12 -21.17 18.22
CA LYS A 17 21.71 -20.15 19.19
C LYS A 17 22.58 -18.90 19.07
N ALA A 18 23.89 -19.08 18.86
CA ALA A 18 24.77 -17.95 18.65
C ALA A 18 24.54 -17.29 17.29
N GLN A 19 23.88 -17.98 16.37
CA GLN A 19 23.59 -17.39 15.07
C GLN A 19 22.46 -16.37 15.17
N ARG A 20 21.44 -16.67 15.98
CA ARG A 20 20.37 -15.70 16.18
C ARG A 20 20.87 -14.48 16.95
N GLU A 21 21.94 -14.63 17.72
CA GLU A 21 22.54 -13.48 18.38
C GLU A 21 23.13 -12.51 17.36
N ALA A 22 23.77 -13.03 16.32
CA ALA A 22 24.29 -12.18 15.26
C ALA A 22 23.17 -11.60 14.40
N ASN A 23 22.10 -12.37 14.19
CA ASN A 23 20.96 -11.86 13.43
C ASN A 23 20.24 -10.77 14.20
N LYS A 24 20.19 -10.87 15.54
CA LYS A 24 19.62 -9.79 16.33
C LYS A 24 20.51 -8.55 16.30
N LYS A 25 21.83 -8.75 16.29
CA LYS A 25 22.75 -7.63 16.19
C LYS A 25 22.67 -6.94 14.84
N ILE A 26 22.39 -7.69 13.78
CA ILE A 26 22.33 -7.11 12.44
C ILE A 26 21.01 -6.37 12.24
N GLU A 27 19.89 -7.01 12.60
CA GLU A 27 18.59 -6.37 12.45
C GLU A 27 18.48 -5.12 13.30
N LYS A 28 19.21 -5.05 14.41
CA LYS A 28 19.26 -3.83 15.19
C LYS A 28 19.99 -2.72 14.44
N GLN A 29 21.01 -3.07 13.67
CA GLN A 29 21.72 -2.08 12.87
C GLN A 29 20.91 -1.69 11.63
N LEU A 30 20.17 -2.64 11.06
CA LEU A 30 19.36 -2.33 9.88
C LEU A 30 18.22 -1.38 10.23
N GLN A 31 17.71 -1.44 11.47
CA GLN A 31 16.67 -0.50 11.88
C GLN A 31 17.21 0.92 12.02
N LYS A 32 18.48 1.08 12.38
CA LYS A 32 19.08 2.40 12.42
C LYS A 32 19.41 2.88 11.01
N ASP A 33 19.75 1.96 10.11
CA ASP A 33 20.01 2.31 8.72
C ASP A 33 18.74 2.61 7.93
N LYS A 34 17.58 2.13 8.39
CA LYS A 34 16.32 2.48 7.73
C LYS A 34 15.89 3.89 8.10
N GLN A 35 16.20 4.33 9.32
CA GLN A 35 15.83 5.67 9.76
C GLN A 35 16.51 6.74 8.95
N VAL A 36 17.75 6.50 8.50
CA VAL A 36 18.47 7.49 7.70
C VAL A 36 18.22 7.35 6.21
N TYR A 37 17.74 6.19 5.75
CA TYR A 37 17.49 6.01 4.33
C TYR A 37 16.11 6.52 3.93
N ARG A 38 15.09 6.18 4.72
CA ARG A 38 13.73 6.62 4.39
C ARG A 38 13.53 8.11 4.60
N ALA A 39 14.41 8.76 5.36
CA ALA A 39 14.33 10.20 5.61
C ALA A 39 15.36 10.98 4.79
N THR A 40 15.68 10.50 3.58
CA THR A 40 16.66 11.15 2.72
C THR A 40 16.11 11.20 1.30
N HIS A 41 16.11 12.40 0.72
CA HIS A 41 15.66 12.59 -0.65
C HIS A 41 16.81 12.35 -1.61
N ARG A 42 16.65 11.39 -2.52
CA ARG A 42 17.65 11.07 -3.52
C ARG A 42 17.25 11.71 -4.86
N LEU A 43 18.20 12.39 -5.49
CA LEU A 43 17.96 13.11 -6.73
C LEU A 43 19.01 12.73 -7.77
N LEU A 44 18.58 12.62 -9.02
CA LEU A 44 19.47 12.36 -10.14
C LEU A 44 19.63 13.64 -10.95
N LEU A 45 20.88 14.05 -11.18
CA LEU A 45 21.18 15.27 -11.92
C LEU A 45 21.59 14.89 -13.34
N LEU A 46 20.76 15.28 -14.31
CA LEU A 46 21.02 15.02 -15.71
C LEU A 46 21.22 16.33 -16.45
N GLY A 47 21.73 16.22 -17.68
CA GLY A 47 21.98 17.39 -18.50
C GLY A 47 22.83 17.08 -19.72
N SER A 205 34.70 8.04 -9.63
CA SER A 205 34.73 8.74 -10.91
C SER A 205 33.51 8.42 -11.74
N GLY A 206 32.90 7.26 -11.47
CA GLY A 206 31.73 6.85 -12.23
C GLY A 206 30.48 7.62 -11.88
N ILE A 207 30.37 8.07 -10.63
CA ILE A 207 29.22 8.83 -10.18
C ILE A 207 29.67 9.71 -9.02
N PHE A 208 29.29 10.98 -9.08
CA PHE A 208 29.64 11.96 -8.06
C PHE A 208 28.44 12.20 -7.15
N GLU A 209 28.65 12.03 -5.86
CA GLU A 209 27.60 12.19 -4.86
C GLU A 209 27.73 13.54 -4.17
N THR A 210 26.58 14.09 -3.74
CA THR A 210 26.54 15.37 -3.05
C THR A 210 25.44 15.31 -2.00
N LYS A 211 25.84 15.36 -0.73
CA LYS A 211 24.89 15.37 0.38
C LYS A 211 24.74 16.80 0.88
N PHE A 212 23.64 17.44 0.50
CA PHE A 212 23.26 18.74 1.03
C PHE A 212 21.94 18.59 1.77
N GLN A 213 21.69 19.51 2.70
CA GLN A 213 20.55 19.39 3.60
C GLN A 213 19.90 20.75 3.78
N VAL A 214 18.61 20.83 3.48
CA VAL A 214 17.85 22.08 3.53
C VAL A 214 16.73 21.91 4.54
N ASP A 215 16.62 22.86 5.46
CA ASP A 215 15.62 22.83 6.53
C ASP A 215 15.72 21.53 7.33
N LYS A 216 16.96 21.11 7.56
CA LYS A 216 17.29 19.85 8.23
C LYS A 216 16.62 18.64 7.57
N VAL A 217 16.33 18.74 6.29
CA VAL A 217 15.88 17.60 5.48
C VAL A 217 17.03 17.21 4.58
N ASN A 218 17.47 15.96 4.69
CA ASN A 218 18.67 15.51 3.99
C ASN A 218 18.37 15.21 2.53
N PHE A 219 19.20 15.74 1.63
CA PHE A 219 19.11 15.50 0.21
C PHE A 219 20.39 14.81 -0.26
N HIS A 220 20.24 13.85 -1.18
CA HIS A 220 21.36 13.11 -1.73
C HIS A 220 21.26 13.14 -3.24
N MET A 221 21.91 14.12 -3.86
CA MET A 221 21.86 14.31 -5.30
C MET A 221 23.07 13.63 -5.95
N PHE A 222 22.82 12.89 -7.03
CA PHE A 222 23.84 12.12 -7.71
C PHE A 222 24.05 12.70 -9.10
N ASP A 223 25.31 12.93 -9.45
CA ASP A 223 25.69 13.42 -10.77
C ASP A 223 26.49 12.33 -11.49
N VAL A 224 25.98 11.88 -12.63
CA VAL A 224 26.64 10.82 -13.38
C VAL A 224 27.94 11.36 -13.98
N GLY A 225 29.02 10.61 -13.79
CA GLY A 225 30.32 11.04 -14.26
C GLY A 225 30.83 10.27 -15.47
N ALA A 226 31.75 9.34 -15.24
CA ALA A 226 32.40 8.62 -16.33
C ALA A 226 31.48 7.49 -16.79
N GLN A 227 30.49 7.85 -17.61
CA GLN A 227 29.59 6.89 -18.22
C GLN A 227 29.34 7.31 -19.67
N ARG A 228 29.06 6.31 -20.51
CA ARG A 228 28.85 6.56 -21.93
C ARG A 228 27.49 7.22 -22.15
N ASP A 229 27.29 7.70 -23.39
CA ASP A 229 26.08 8.43 -23.73
C ASP A 229 24.86 7.52 -23.86
N GLU A 230 25.03 6.21 -23.83
CA GLU A 230 23.92 5.27 -23.89
C GLU A 230 23.34 5.14 -22.49
N ARG A 231 22.16 5.71 -22.28
CA ARG A 231 21.56 5.82 -20.95
C ARG A 231 20.40 4.84 -20.74
N ARG A 232 20.00 4.09 -21.77
CA ARG A 232 18.80 3.27 -21.66
C ARG A 232 18.92 2.10 -20.69
N LYS A 233 20.06 1.93 -20.03
CA LYS A 233 20.25 0.84 -19.07
C LYS A 233 20.47 1.33 -17.65
N TRP A 234 21.42 2.26 -17.46
CA TRP A 234 21.70 2.73 -16.10
C TRP A 234 20.70 3.77 -15.62
N ILE A 235 19.81 4.26 -16.49
CA ILE A 235 18.78 5.20 -16.04
C ILE A 235 17.69 4.50 -15.25
N GLN A 236 17.59 3.18 -15.36
CA GLN A 236 16.58 2.44 -14.61
C GLN A 236 16.93 2.33 -13.13
N CYS A 237 18.19 2.56 -12.77
CA CYS A 237 18.58 2.54 -11.36
C CYS A 237 17.96 3.69 -10.57
N PHE A 238 17.58 4.77 -11.25
CA PHE A 238 16.99 5.94 -10.60
C PHE A 238 15.47 5.97 -10.75
N ASN A 239 14.82 4.81 -10.73
CA ASN A 239 13.37 4.75 -10.87
C ASN A 239 12.64 5.09 -9.58
N ASP A 240 13.31 4.99 -8.44
CA ASP A 240 12.69 5.24 -7.14
C ASP A 240 13.14 6.55 -6.51
N VAL A 241 13.86 7.39 -7.26
CA VAL A 241 14.28 8.68 -6.71
C VAL A 241 13.07 9.60 -6.59
N THR A 242 13.23 10.65 -5.78
CA THR A 242 12.14 11.60 -5.59
C THR A 242 11.86 12.40 -6.86
N ALA A 243 12.92 12.86 -7.53
CA ALA A 243 12.77 13.64 -8.74
C ALA A 243 14.07 13.61 -9.52
N ILE A 244 13.96 13.62 -10.85
CA ILE A 244 15.11 13.70 -11.73
C ILE A 244 15.25 15.15 -12.19
N ILE A 245 16.36 15.78 -11.82
CA ILE A 245 16.62 17.17 -12.17
C ILE A 245 17.17 17.18 -13.60
N PHE A 246 16.29 17.45 -14.56
CA PHE A 246 16.64 17.47 -15.98
C PHE A 246 16.98 18.90 -16.38
N VAL A 247 18.27 19.18 -16.53
CA VAL A 247 18.74 20.51 -16.89
C VAL A 247 18.81 20.62 -18.41
N VAL A 248 18.21 21.67 -18.96
CA VAL A 248 18.20 21.92 -20.40
C VAL A 248 18.91 23.23 -20.67
N ALA A 249 19.68 23.27 -21.75
CA ALA A 249 20.40 24.47 -22.17
C ALA A 249 19.67 25.07 -23.37
N SER A 250 19.00 26.19 -23.15
CA SER A 250 18.24 26.85 -24.21
C SER A 250 19.17 27.54 -25.20
N SER A 251 19.50 26.85 -26.29
CA SER A 251 20.39 27.40 -27.31
C SER A 251 19.74 28.57 -28.04
N GLN A 262 25.76 25.39 -34.78
CA GLN A 262 24.44 25.13 -34.23
C GLN A 262 23.99 23.71 -34.55
N THR A 263 24.17 22.81 -33.57
CA THR A 263 23.81 21.41 -33.72
C THR A 263 22.39 21.11 -33.26
N ASN A 264 21.61 22.15 -32.97
CA ASN A 264 20.24 22.01 -32.46
C ASN A 264 20.23 21.17 -31.18
N ARG A 265 20.93 21.68 -30.17
CA ARG A 265 21.06 20.94 -28.91
C ARG A 265 19.76 20.93 -28.12
N LEU A 266 18.91 21.94 -28.31
CA LEU A 266 17.67 22.01 -27.54
C LEU A 266 16.69 20.91 -27.95
N GLN A 267 16.57 20.66 -29.26
CA GLN A 267 15.67 19.60 -29.71
C GLN A 267 16.20 18.22 -29.35
N ALA A 268 17.53 18.08 -29.22
CA ALA A 268 18.09 16.83 -28.72
C ALA A 268 17.69 16.57 -27.28
N ALA A 269 17.55 17.63 -26.48
CA ALA A 269 17.06 17.48 -25.12
C ALA A 269 15.57 17.22 -25.07
N LEU A 270 14.82 17.68 -26.09
CA LEU A 270 13.40 17.38 -26.16
C LEU A 270 13.16 15.89 -26.38
N LYS A 271 13.94 15.27 -27.27
CA LYS A 271 13.81 13.83 -27.48
C LYS A 271 14.29 13.05 -26.27
N LEU A 272 15.31 13.55 -25.57
CA LEU A 272 15.76 12.89 -24.34
C LEU A 272 14.71 13.01 -23.24
N PHE A 273 14.12 14.19 -23.09
CA PHE A 273 13.01 14.35 -22.14
C PHE A 273 11.80 13.53 -22.57
N ASP A 274 11.60 13.37 -23.88
CA ASP A 274 10.51 12.54 -24.37
C ASP A 274 10.73 11.07 -24.01
N SER A 275 11.95 10.56 -24.17
CA SER A 275 12.24 9.18 -23.83
C SER A 275 12.17 8.94 -22.33
N ILE A 276 12.57 9.94 -21.53
CA ILE A 276 12.53 9.79 -20.08
C ILE A 276 11.10 9.84 -19.58
N TRP A 277 10.28 10.73 -20.15
CA TRP A 277 8.90 10.88 -19.70
C TRP A 277 8.05 9.66 -20.00
N ASN A 278 8.30 8.99 -21.13
CA ASN A 278 7.54 7.82 -21.53
C ASN A 278 8.31 6.52 -21.34
N ASN A 279 9.33 6.52 -20.47
CA ASN A 279 10.04 5.29 -20.15
C ASN A 279 9.21 4.48 -19.17
N LYS A 280 9.18 3.16 -19.37
CA LYS A 280 8.29 2.30 -18.60
C LYS A 280 8.57 2.36 -17.11
N TRP A 281 9.84 2.54 -16.72
CA TRP A 281 10.20 2.53 -15.31
C TRP A 281 10.30 3.92 -14.69
N LEU A 282 10.01 4.97 -15.46
CA LEU A 282 10.03 6.33 -14.93
C LEU A 282 8.68 7.02 -15.06
N ARG A 283 7.60 6.26 -15.25
CA ARG A 283 6.27 6.85 -15.31
C ARG A 283 5.80 7.34 -13.95
N ASP A 284 6.40 6.87 -12.86
CA ASP A 284 6.08 7.33 -11.52
C ASP A 284 7.17 8.23 -10.93
N THR A 285 8.22 8.52 -11.69
CA THR A 285 9.33 9.36 -11.24
C THR A 285 9.13 10.76 -11.81
N SER A 286 8.91 11.73 -10.92
CA SER A 286 8.74 13.10 -11.36
C SER A 286 10.05 13.67 -11.91
N VAL A 287 9.93 14.71 -12.73
CA VAL A 287 11.07 15.33 -13.39
C VAL A 287 11.04 16.82 -13.10
N ILE A 288 12.05 17.33 -12.40
CA ILE A 288 12.22 18.75 -12.18
C ILE A 288 12.96 19.31 -13.38
N LEU A 289 12.25 20.05 -14.22
CA LEU A 289 12.80 20.56 -15.48
C LEU A 289 13.41 21.94 -15.24
N PHE A 290 14.73 22.03 -15.36
CA PHE A 290 15.45 23.29 -15.21
C PHE A 290 15.83 23.80 -16.60
N LEU A 291 15.28 24.93 -17.00
CA LEU A 291 15.56 25.55 -18.29
C LEU A 291 16.66 26.59 -18.10
N ASN A 292 17.79 26.40 -18.79
CA ASN A 292 18.93 27.30 -18.72
C ASN A 292 19.42 27.47 -17.28
N ILE A 308 14.40 27.76 -32.13
CA ILE A 308 14.90 29.12 -31.93
C ILE A 308 14.13 30.08 -32.83
N GLU A 309 14.68 30.35 -34.01
CA GLU A 309 14.04 31.21 -34.99
C GLU A 309 13.72 30.47 -36.29
N ASP A 310 14.65 29.65 -36.79
CA ASP A 310 14.44 28.87 -38.00
C ASP A 310 14.34 27.38 -37.74
N TYR A 311 14.41 26.95 -36.48
CA TYR A 311 14.38 25.54 -36.13
C TYR A 311 13.04 25.12 -35.53
N PHE A 312 12.06 26.01 -35.50
CA PHE A 312 10.72 25.68 -35.01
C PHE A 312 9.71 26.54 -35.76
N PRO A 313 9.07 26.00 -36.79
CA PRO A 313 8.10 26.79 -37.56
C PRO A 313 6.86 27.17 -36.77
N GLU A 314 6.50 26.43 -35.71
CA GLU A 314 5.34 26.79 -34.92
C GLU A 314 5.59 28.00 -34.02
N PHE A 315 6.84 28.48 -33.95
CA PHE A 315 7.13 29.67 -33.15
C PHE A 315 6.60 30.94 -33.80
N ALA A 316 6.32 30.91 -35.09
CA ALA A 316 5.83 32.11 -35.78
C ALA A 316 4.43 32.48 -35.31
N ARG A 317 3.48 31.55 -35.45
CA ARG A 317 2.12 31.78 -34.99
C ARG A 317 1.88 31.24 -33.59
N TYR A 318 2.68 31.71 -32.64
CA TYR A 318 2.57 31.32 -31.24
C TYR A 318 2.38 32.58 -30.40
N THR A 319 1.39 32.55 -29.52
CA THR A 319 1.04 33.70 -28.69
C THR A 319 1.41 33.43 -27.24
N THR A 320 1.79 34.48 -26.54
CA THR A 320 2.17 34.35 -25.13
C THR A 320 0.93 34.13 -24.28
N PRO A 321 0.85 33.05 -23.51
CA PRO A 321 -0.29 32.89 -22.59
C PRO A 321 -0.23 33.93 -21.48
N GLU A 322 -1.35 34.64 -21.30
CA GLU A 322 -1.41 35.69 -20.30
C GLU A 322 -1.31 35.15 -18.88
N ASP A 323 -1.50 33.84 -18.69
CA ASP A 323 -1.33 33.25 -17.37
C ASP A 323 0.12 33.21 -16.93
N ALA A 324 1.06 33.52 -17.81
CA ALA A 324 2.47 33.55 -17.44
C ALA A 324 2.78 34.76 -16.58
N THR A 325 3.88 34.68 -15.83
CA THR A 325 4.32 35.74 -14.93
C THR A 325 5.71 36.20 -15.33
N PRO A 326 5.82 37.12 -16.29
CA PRO A 326 7.14 37.63 -16.66
C PRO A 326 7.73 38.51 -15.56
N GLU A 327 9.04 38.43 -15.41
CA GLU A 327 9.73 39.24 -14.42
C GLU A 327 9.77 40.70 -14.86
N PRO A 328 9.78 41.64 -13.91
CA PRO A 328 9.81 43.06 -14.28
C PRO A 328 11.09 43.43 -15.03
N GLY A 329 10.93 44.23 -16.08
CA GLY A 329 12.06 44.62 -16.89
C GLY A 329 12.50 43.58 -17.90
N GLU A 330 11.55 42.92 -18.55
CA GLU A 330 11.85 41.85 -19.51
C GLU A 330 11.11 42.13 -20.81
N ASP A 331 11.81 41.94 -21.92
CA ASP A 331 11.22 42.21 -23.23
C ASP A 331 10.12 41.20 -23.53
N PRO A 332 9.00 41.63 -24.12
CA PRO A 332 7.90 40.68 -24.39
C PRO A 332 8.28 39.57 -25.36
N ARG A 333 9.07 39.86 -26.40
CA ARG A 333 9.46 38.80 -27.33
C ARG A 333 10.42 37.81 -26.68
N VAL A 334 11.17 38.27 -25.67
CA VAL A 334 11.99 37.34 -24.89
C VAL A 334 11.11 36.43 -24.06
N THR A 335 10.00 36.96 -23.54
CA THR A 335 9.04 36.16 -22.79
C THR A 335 8.38 35.12 -23.70
N ARG A 336 8.07 35.50 -24.94
CA ARG A 336 7.43 34.57 -25.86
C ARG A 336 8.37 33.43 -26.24
N ALA A 337 9.65 33.74 -26.50
CA ALA A 337 10.60 32.71 -26.87
C ALA A 337 10.92 31.80 -25.69
N LYS A 338 10.95 32.36 -24.48
CA LYS A 338 11.27 31.55 -23.29
C LYS A 338 10.14 30.58 -22.98
N TYR A 339 8.90 31.09 -22.92
CA TYR A 339 7.76 30.23 -22.63
C TYR A 339 7.41 29.31 -23.78
N PHE A 340 7.89 29.60 -25.00
CA PHE A 340 7.66 28.68 -26.11
C PHE A 340 8.41 27.37 -25.89
N ILE A 341 9.66 27.45 -25.42
CA ILE A 341 10.43 26.25 -25.13
C ILE A 341 9.79 25.47 -23.98
N ARG A 342 9.27 26.18 -22.97
CA ARG A 342 8.59 25.51 -21.86
C ARG A 342 7.36 24.77 -22.34
N ASP A 343 6.65 25.34 -23.32
CA ASP A 343 5.47 24.67 -23.85
C ASP A 343 5.82 23.44 -24.67
N GLU A 344 7.00 23.42 -25.30
CA GLU A 344 7.43 22.24 -26.04
C GLU A 344 7.67 21.06 -25.12
N PHE A 345 8.26 21.31 -23.95
CA PHE A 345 8.45 20.24 -22.96
C PHE A 345 7.14 19.89 -22.27
N LEU A 346 6.30 20.88 -22.01
CA LEU A 346 5.02 20.60 -21.36
C LEU A 346 4.06 19.87 -22.29
N ARG A 347 4.18 20.09 -23.61
CA ARG A 347 3.34 19.36 -24.56
C ARG A 347 3.64 17.86 -24.52
N ILE A 348 4.90 17.50 -24.28
CA ILE A 348 5.26 16.10 -24.13
C ILE A 348 4.81 15.59 -22.76
N SER A 349 4.84 16.45 -21.75
CA SER A 349 4.48 16.04 -20.39
C SER A 349 2.97 15.85 -20.23
N THR A 350 2.15 16.53 -21.03
CA THR A 350 0.71 16.41 -20.94
C THR A 350 0.11 15.56 -22.05
N ALA A 351 0.95 14.91 -22.86
CA ALA A 351 0.47 14.04 -23.92
C ALA A 351 0.29 12.60 -23.46
N SER A 352 0.65 12.27 -22.22
CA SER A 352 0.54 10.92 -21.68
C SER A 352 0.06 11.05 -20.23
N GLY A 353 -1.26 10.89 -20.04
CA GLY A 353 -1.82 10.98 -18.70
C GLY A 353 -1.53 9.78 -17.84
N ASP A 354 -1.16 8.65 -18.44
CA ASP A 354 -0.86 7.43 -17.69
C ASP A 354 0.49 7.56 -17.00
N GLY A 355 0.50 7.46 -15.67
CA GLY A 355 1.73 7.56 -14.90
C GLY A 355 1.63 8.57 -13.79
N ARG A 356 2.41 8.35 -12.73
CA ARG A 356 2.45 9.23 -11.58
C ARG A 356 3.50 10.33 -11.69
N HIS A 357 4.15 10.47 -12.85
CA HIS A 357 5.18 11.48 -13.00
C HIS A 357 4.54 12.85 -13.26
N TYR A 358 5.08 13.87 -12.60
CA TYR A 358 4.68 15.24 -12.82
C TYR A 358 5.90 16.06 -13.26
N CYS A 359 5.68 16.95 -14.22
CA CYS A 359 6.74 17.79 -14.76
C CYS A 359 6.64 19.17 -14.14
N TYR A 360 7.73 19.62 -13.52
CA TYR A 360 7.79 20.94 -12.89
C TYR A 360 8.79 21.80 -13.64
N PRO A 361 8.34 22.64 -14.57
CA PRO A 361 9.26 23.49 -15.32
C PRO A 361 9.69 24.70 -14.49
N HIS A 362 10.97 25.03 -14.60
CA HIS A 362 11.53 26.18 -13.89
C HIS A 362 12.51 26.91 -14.81
N PHE A 363 12.65 28.20 -14.58
CA PHE A 363 13.52 29.04 -15.41
C PHE A 363 14.87 29.26 -14.75
N ASN A 371 17.97 28.24 -6.08
CA ASN A 371 18.10 27.04 -6.88
C ASN A 371 17.83 25.79 -6.06
N ILE A 372 18.37 25.76 -4.84
CA ILE A 372 18.13 24.62 -3.96
C ILE A 372 16.73 24.68 -3.35
N ARG A 373 16.20 25.89 -3.16
CA ARG A 373 14.84 26.01 -2.62
C ARG A 373 13.80 25.53 -3.61
N ARG A 374 14.06 25.68 -4.91
CA ARG A 374 13.12 25.18 -5.92
C ARG A 374 13.04 23.66 -5.88
N VAL A 375 14.18 22.99 -5.67
CA VAL A 375 14.17 21.53 -5.58
C VAL A 375 13.51 21.08 -4.27
N PHE A 376 13.71 21.84 -3.20
CA PHE A 376 13.14 21.47 -1.91
C PHE A 376 11.62 21.56 -1.92
N ASN A 377 11.08 22.67 -2.43
CA ASN A 377 9.63 22.83 -2.49
C ASN A 377 8.99 21.86 -3.47
N ASP A 378 9.73 21.47 -4.52
CA ASP A 378 9.19 20.53 -5.49
C ASP A 378 9.14 19.11 -4.92
N CYS A 379 10.19 18.70 -4.21
CA CYS A 379 10.19 17.37 -3.60
C CYS A 379 9.12 17.26 -2.52
N ARG A 380 8.84 18.36 -1.82
CA ARG A 380 7.74 18.36 -0.85
C ARG A 380 6.40 18.18 -1.53
N ASP A 381 6.23 18.74 -2.74
CA ASP A 381 5.00 18.54 -3.50
C ASP A 381 4.90 17.13 -4.06
N ILE A 382 6.03 16.49 -4.34
CA ILE A 382 6.01 15.14 -4.89
C ILE A 382 5.63 14.13 -3.81
N ILE A 383 6.20 14.27 -2.61
CA ILE A 383 5.87 13.34 -1.54
C ILE A 383 4.45 13.59 -1.03
N GLN A 384 3.95 14.82 -1.16
CA GLN A 384 2.57 15.08 -0.79
C GLN A 384 1.60 14.36 -1.73
N ARG A 385 1.86 14.42 -3.04
CA ARG A 385 1.03 13.69 -3.98
C ARG A 385 1.21 12.19 -3.85
N MET A 386 2.37 11.75 -3.39
CA MET A 386 2.58 10.33 -3.11
C MET A 386 1.72 9.87 -1.95
N HIS A 387 1.54 10.71 -0.93
CA HIS A 387 0.73 10.33 0.21
C HIS A 387 -0.76 10.35 -0.12
N LEU A 388 -1.20 11.27 -0.98
CA LEU A 388 -2.61 11.32 -1.32
C LEU A 388 -3.01 10.14 -2.20
N ARG A 389 -2.10 9.61 -3.00
CA ARG A 389 -2.41 8.47 -3.84
C ARG A 389 -2.40 7.15 -3.07
N GLN A 390 -1.67 7.08 -1.96
CA GLN A 390 -1.74 5.89 -1.11
C GLN A 390 -3.12 5.74 -0.49
N TYR A 391 -3.81 6.84 -0.24
CA TYR A 391 -5.16 6.82 0.30
C TYR A 391 -6.22 6.93 -0.78
N GLU A 392 -5.84 6.78 -2.06
CA GLU A 392 -6.75 6.87 -3.20
C GLU A 392 -7.50 8.20 -3.23
N LEU A 393 -6.84 9.28 -2.80
CA LEU A 393 -7.44 10.60 -2.83
C LEU A 393 -7.09 11.39 -4.08
N LEU A 394 -5.94 11.12 -4.68
CA LEU A 394 -5.52 11.84 -5.88
C LEU A 394 -4.98 10.87 -6.94
N ASP B 15 36.83 3.48 -47.42
CA ASP B 15 36.55 2.45 -46.43
C ASP B 15 35.65 1.37 -47.00
N GLN B 16 35.75 1.14 -48.30
CA GLN B 16 34.92 0.15 -48.98
C GLN B 16 35.34 -1.29 -48.69
N LEU B 17 36.27 -1.51 -47.76
CA LEU B 17 36.48 -2.85 -47.23
C LEU B 17 35.24 -3.37 -46.52
N ARG B 18 34.26 -2.49 -46.27
CA ARG B 18 32.93 -2.93 -45.82
C ARG B 18 32.33 -3.93 -46.78
N GLN B 19 32.66 -3.84 -48.07
CA GLN B 19 32.20 -4.83 -49.04
C GLN B 19 32.78 -6.20 -48.74
N GLU B 20 34.05 -6.25 -48.30
CA GLU B 20 34.64 -7.51 -47.86
C GLU B 20 33.99 -8.01 -46.58
N ALA B 21 33.66 -7.09 -45.67
CA ALA B 21 33.06 -7.49 -44.40
C ALA B 21 31.65 -8.03 -44.58
N GLU B 22 30.88 -7.45 -45.51
CA GLU B 22 29.54 -7.96 -45.76
C GLU B 22 29.58 -9.27 -46.53
N GLN B 23 30.57 -9.45 -47.40
CA GLN B 23 30.72 -10.71 -48.13
C GLN B 23 31.24 -11.82 -47.23
N LEU B 24 31.99 -11.47 -46.18
CA LEU B 24 32.52 -12.49 -45.27
C LEU B 24 31.45 -12.96 -44.29
N LYS B 25 30.63 -12.04 -43.77
CA LYS B 25 29.55 -12.44 -42.87
C LYS B 25 28.48 -13.25 -43.60
N ASN B 26 28.37 -13.11 -44.92
CA ASN B 26 27.48 -14.00 -45.67
C ASN B 26 28.04 -15.41 -45.74
N GLN B 27 29.37 -15.54 -45.85
CA GLN B 27 29.99 -16.86 -45.82
C GLN B 27 29.79 -17.53 -44.47
N ILE B 28 29.83 -16.76 -43.39
CA ILE B 28 29.56 -17.32 -42.07
C ILE B 28 28.09 -17.71 -41.95
N ARG B 29 27.20 -16.87 -42.47
CA ARG B 29 25.77 -17.18 -42.40
C ARG B 29 25.43 -18.42 -43.21
N ASP B 30 26.03 -18.57 -44.39
CA ASP B 30 25.81 -19.76 -45.20
C ASP B 30 26.49 -20.99 -44.61
N ALA B 31 27.53 -20.81 -43.81
CA ALA B 31 28.14 -21.95 -43.12
C ALA B 31 27.26 -22.43 -41.98
N ARG B 32 26.48 -21.53 -41.38
CA ARG B 32 25.53 -21.93 -40.34
C ARG B 32 24.30 -22.62 -40.93
N LYS B 33 23.90 -22.24 -42.14
CA LYS B 33 22.76 -22.88 -42.78
C LYS B 33 23.09 -24.31 -43.21
N ALA B 34 24.33 -24.54 -43.65
CA ALA B 34 24.73 -25.88 -44.05
C ALA B 34 24.89 -26.82 -42.86
N CYS B 35 25.26 -26.27 -41.70
CA CYS B 35 25.45 -27.09 -40.51
C CYS B 35 24.16 -27.39 -39.77
N ALA B 36 23.01 -26.95 -40.28
CA ALA B 36 21.73 -27.13 -39.62
C ALA B 36 20.91 -28.15 -40.41
N ASP B 37 20.78 -29.36 -39.85
CA ASP B 37 19.90 -30.36 -40.45
C ASP B 37 18.47 -30.18 -39.98
N ALA B 38 18.27 -30.10 -38.66
CA ALA B 38 16.96 -29.87 -38.07
C ALA B 38 17.12 -29.12 -36.76
N THR B 39 16.19 -28.20 -36.50
CA THR B 39 16.21 -27.44 -35.26
C THR B 39 16.06 -28.38 -34.06
N LEU B 40 16.61 -27.94 -32.92
CA LEU B 40 16.50 -28.74 -31.71
C LEU B 40 15.05 -28.99 -31.34
N SER B 41 14.18 -28.01 -31.57
CA SER B 41 12.77 -28.19 -31.28
C SER B 41 12.12 -29.23 -32.18
N GLN B 42 12.69 -29.48 -33.35
CA GLN B 42 12.10 -30.44 -34.29
C GLN B 42 12.24 -31.87 -33.76
N ILE B 43 13.47 -32.28 -33.42
CA ILE B 43 13.70 -33.61 -32.87
C ILE B 43 13.53 -33.49 -31.35
N THR B 44 12.26 -33.47 -30.92
CA THR B 44 11.92 -33.46 -29.50
C THR B 44 10.70 -34.31 -29.18
N ASN B 45 10.12 -35.02 -30.15
CA ASN B 45 8.92 -35.80 -29.91
C ASN B 45 9.17 -37.04 -29.05
N ASN B 46 10.43 -37.35 -28.75
CA ASN B 46 10.78 -38.47 -27.89
C ASN B 46 10.84 -38.09 -26.41
N ILE B 47 10.16 -37.01 -26.01
CA ILE B 47 10.28 -36.45 -24.67
C ILE B 47 8.97 -36.67 -23.93
N ASP B 48 9.06 -37.20 -22.71
CA ASP B 48 7.91 -37.25 -21.81
C ASP B 48 7.68 -35.85 -21.26
N PRO B 49 6.54 -35.23 -21.55
CA PRO B 49 6.34 -33.83 -21.15
C PRO B 49 6.34 -33.68 -19.64
N VAL B 50 7.10 -32.69 -19.16
CA VAL B 50 7.20 -32.43 -17.72
C VAL B 50 5.93 -31.83 -17.15
N GLY B 51 5.00 -31.38 -18.00
CA GLY B 51 3.74 -30.85 -17.54
C GLY B 51 3.90 -29.52 -16.82
N ARG B 52 2.96 -29.24 -15.92
CA ARG B 52 2.95 -27.99 -15.17
C ARG B 52 3.87 -28.12 -13.96
N ILE B 53 4.89 -27.27 -13.89
CA ILE B 53 5.81 -27.24 -12.77
C ILE B 53 5.30 -26.19 -11.79
N GLN B 54 4.67 -26.65 -10.70
CA GLN B 54 4.10 -25.77 -9.69
C GLN B 54 5.11 -25.63 -8.56
N MET B 55 5.85 -24.53 -8.56
CA MET B 55 6.82 -24.23 -7.52
C MET B 55 6.28 -23.14 -6.61
N ARG B 56 6.48 -23.31 -5.32
CA ARG B 56 5.89 -22.44 -4.31
C ARG B 56 6.98 -21.71 -3.54
N THR B 57 6.62 -20.55 -2.99
CA THR B 57 7.55 -19.76 -2.18
C THR B 57 7.75 -20.45 -0.83
N ARG B 58 8.93 -21.05 -0.65
CA ARG B 58 9.23 -21.73 0.61
C ARG B 58 9.79 -20.77 1.66
N ARG B 59 10.42 -19.67 1.21
CA ARG B 59 11.02 -18.73 2.13
C ARG B 59 10.97 -17.34 1.50
N THR B 60 10.90 -16.33 2.36
CA THR B 60 10.85 -14.93 1.93
C THR B 60 11.79 -14.12 2.83
N LEU B 61 12.98 -13.84 2.32
CA LEU B 61 13.99 -13.09 3.08
C LEU B 61 13.69 -11.61 2.98
N ARG B 62 13.28 -11.00 4.09
CA ARG B 62 13.02 -9.57 4.17
C ARG B 62 14.14 -8.89 4.95
N GLY B 63 14.24 -7.57 4.77
CA GLY B 63 15.27 -6.80 5.45
C GLY B 63 15.91 -5.74 4.58
N HIS B 64 15.94 -5.97 3.27
CA HIS B 64 16.51 -4.99 2.36
C HIS B 64 15.60 -3.78 2.25
N LEU B 65 16.20 -2.60 2.14
CA LEU B 65 15.44 -1.35 2.17
C LEU B 65 15.00 -0.89 0.79
N ALA B 66 15.83 -1.09 -0.24
CA ALA B 66 15.53 -0.63 -1.59
C ALA B 66 15.45 -1.83 -2.53
N LYS B 67 15.32 -1.52 -3.83
CA LYS B 67 15.19 -2.57 -4.83
C LYS B 67 16.44 -3.44 -4.87
N ILE B 68 16.24 -4.74 -5.05
CA ILE B 68 17.32 -5.71 -5.13
C ILE B 68 17.70 -5.88 -6.59
N TYR B 69 18.99 -5.68 -6.89
CA TYR B 69 19.47 -5.73 -8.26
C TYR B 69 20.12 -7.05 -8.64
N ALA B 70 20.86 -7.68 -7.73
CA ALA B 70 21.56 -8.91 -8.06
C ALA B 70 21.71 -9.77 -6.82
N MET B 71 21.93 -11.06 -7.05
CA MET B 71 22.21 -12.01 -5.99
C MET B 71 23.08 -13.12 -6.56
N HIS B 72 23.77 -13.83 -5.67
CA HIS B 72 24.63 -14.93 -6.08
C HIS B 72 24.67 -15.97 -4.96
N TRP B 73 24.43 -17.23 -5.32
CA TRP B 73 24.50 -18.31 -4.35
C TRP B 73 25.96 -18.72 -4.11
N GLY B 74 26.21 -19.22 -2.91
CA GLY B 74 27.49 -19.83 -2.62
C GLY B 74 27.55 -21.27 -3.09
N THR B 75 28.76 -21.83 -3.09
CA THR B 75 28.93 -23.22 -3.49
C THR B 75 28.32 -24.19 -2.49
N ASP B 76 28.20 -23.80 -1.23
CA ASP B 76 27.56 -24.64 -0.23
C ASP B 76 26.04 -24.66 -0.35
N SER B 77 25.47 -23.83 -1.23
CA SER B 77 24.03 -23.76 -1.47
C SER B 77 23.23 -23.41 -0.22
N ARG B 78 23.88 -22.76 0.75
CA ARG B 78 23.20 -22.35 1.97
C ARG B 78 23.38 -20.86 2.21
N LEU B 79 24.56 -20.34 1.87
CA LEU B 79 24.86 -18.93 2.02
C LEU B 79 24.71 -18.23 0.67
N LEU B 80 24.07 -17.07 0.69
CA LEU B 80 23.86 -16.29 -0.52
C LEU B 80 24.03 -14.81 -0.19
N VAL B 81 24.61 -14.07 -1.13
CA VAL B 81 24.82 -12.64 -0.99
C VAL B 81 23.82 -11.92 -1.88
N SER B 82 23.33 -10.78 -1.42
CA SER B 82 22.35 -9.98 -2.15
C SER B 82 22.79 -8.52 -2.19
N ALA B 83 22.59 -7.88 -3.33
CA ALA B 83 22.96 -6.49 -3.54
C ALA B 83 21.71 -5.67 -3.81
N SER B 84 21.39 -4.76 -2.89
CA SER B 84 20.29 -3.83 -3.06
C SER B 84 20.84 -2.41 -3.20
N GLN B 85 20.09 -1.57 -3.89
CA GLN B 85 20.53 -0.23 -4.21
C GLN B 85 20.42 0.75 -3.04
N ASP B 86 20.20 0.24 -1.83
CA ASP B 86 20.21 1.07 -0.63
C ASP B 86 21.61 1.22 -0.02
N GLY B 87 22.59 0.51 -0.55
CA GLY B 87 23.95 0.62 -0.05
C GLY B 87 24.28 -0.42 1.01
N LYS B 88 23.80 -1.64 0.82
CA LYS B 88 24.03 -2.71 1.79
C LYS B 88 24.20 -4.04 1.07
N LEU B 89 25.15 -4.84 1.54
CA LEU B 89 25.41 -6.18 1.00
C LEU B 89 25.15 -7.17 2.13
N ILE B 90 23.97 -7.78 2.12
CA ILE B 90 23.53 -8.68 3.18
C ILE B 90 23.80 -10.12 2.76
N ILE B 91 24.39 -10.90 3.66
CA ILE B 91 24.62 -12.33 3.46
C ILE B 91 23.53 -13.07 4.22
N TRP B 92 22.79 -13.93 3.53
CA TRP B 92 21.65 -14.62 4.09
C TRP B 92 21.96 -16.11 4.24
N ASP B 93 21.51 -16.69 5.35
CA ASP B 93 21.50 -18.14 5.53
C ASP B 93 20.10 -18.60 5.11
N SER B 94 20.01 -19.19 3.91
CA SER B 94 18.72 -19.54 3.35
C SER B 94 18.00 -20.61 4.15
N TYR B 95 18.68 -21.27 5.09
CA TYR B 95 18.04 -22.33 5.86
C TYR B 95 17.19 -21.75 6.98
N THR B 96 17.74 -20.81 7.75
CA THR B 96 17.07 -20.27 8.93
C THR B 96 16.74 -18.79 8.79
N THR B 97 16.81 -18.22 7.58
CA THR B 97 16.51 -16.82 7.29
C THR B 97 17.42 -15.86 8.06
N ASN B 98 18.48 -16.36 8.70
CA ASN B 98 19.32 -15.53 9.54
C ASN B 98 20.36 -14.80 8.70
N LYS B 99 20.59 -13.54 9.04
CA LYS B 99 21.55 -12.70 8.34
C LYS B 99 22.94 -12.92 8.95
N VAL B 100 23.87 -13.43 8.15
CA VAL B 100 25.20 -13.72 8.64
C VAL B 100 26.05 -12.45 8.67
N HIS B 101 25.97 -11.63 7.62
CA HIS B 101 26.73 -10.39 7.54
C HIS B 101 25.88 -9.32 6.87
N ALA B 102 26.09 -8.08 7.28
CA ALA B 102 25.45 -6.91 6.70
C ALA B 102 26.55 -5.92 6.35
N ILE B 103 26.99 -5.94 5.09
CA ILE B 103 28.15 -5.17 4.66
C ILE B 103 27.66 -3.84 4.10
N PRO B 104 27.97 -2.71 4.73
CA PRO B 104 27.64 -1.42 4.13
C PRO B 104 28.63 -1.07 3.03
N LEU B 105 28.09 -0.56 1.92
CA LEU B 105 28.88 -0.25 0.74
C LEU B 105 29.14 1.24 0.64
N ARG B 106 30.30 1.59 0.08
CA ARG B 106 30.64 3.00 -0.12
C ARG B 106 29.76 3.63 -1.18
N SER B 107 29.45 2.91 -2.25
CA SER B 107 28.58 3.37 -3.31
C SER B 107 27.25 2.62 -3.23
N SER B 108 26.16 3.36 -3.04
CA SER B 108 24.85 2.76 -2.90
C SER B 108 24.27 2.26 -4.21
N TRP B 109 24.86 2.64 -5.35
CA TRP B 109 24.35 2.24 -6.65
C TRP B 109 25.00 0.96 -7.16
N VAL B 110 24.90 -0.10 -6.36
CA VAL B 110 25.45 -1.40 -6.73
C VAL B 110 24.50 -2.06 -7.73
N MET B 111 25.08 -2.66 -8.77
CA MET B 111 24.31 -3.34 -9.80
C MET B 111 24.62 -4.82 -9.93
N THR B 112 25.63 -5.32 -9.23
CA THR B 112 25.98 -6.74 -9.30
C THR B 112 26.71 -7.13 -8.02
N CYS B 113 26.68 -8.42 -7.73
CA CYS B 113 27.37 -8.97 -6.57
C CYS B 113 27.80 -10.39 -6.87
N ALA B 114 28.93 -10.79 -6.31
CA ALA B 114 29.51 -12.10 -6.55
C ALA B 114 29.92 -12.74 -5.24
N TYR B 115 29.82 -14.07 -5.18
CA TYR B 115 30.24 -14.86 -4.03
C TYR B 115 31.40 -15.75 -4.46
N ALA B 116 32.53 -15.63 -3.78
CA ALA B 116 33.71 -16.41 -4.13
C ALA B 116 33.46 -17.90 -3.89
N PRO B 117 34.07 -18.78 -4.69
CA PRO B 117 33.84 -20.22 -4.48
C PRO B 117 34.34 -20.73 -3.15
N SER B 118 35.45 -20.18 -2.64
CA SER B 118 35.95 -20.56 -1.32
C SER B 118 35.07 -20.00 -0.20
N GLY B 119 34.15 -19.10 -0.52
CA GLY B 119 33.29 -18.50 0.49
C GLY B 119 33.97 -17.51 1.40
N ASN B 120 35.19 -17.07 1.06
CA ASN B 120 35.95 -16.16 1.92
C ASN B 120 35.85 -14.70 1.49
N TYR B 121 35.34 -14.43 0.29
CA TYR B 121 35.27 -13.07 -0.23
C TYR B 121 33.95 -12.87 -0.96
N VAL B 122 33.54 -11.61 -1.08
CA VAL B 122 32.37 -11.22 -1.84
C VAL B 122 32.69 -9.94 -2.60
N ALA B 123 32.26 -9.86 -3.85
CA ALA B 123 32.49 -8.69 -4.68
C ALA B 123 31.18 -8.01 -5.02
N CYS B 124 31.28 -6.75 -5.44
CA CYS B 124 30.11 -5.98 -5.85
C CYS B 124 30.58 -4.81 -6.70
N GLY B 125 29.66 -4.29 -7.50
CA GLY B 125 29.99 -3.17 -8.37
C GLY B 125 28.72 -2.53 -8.90
N GLY B 126 28.91 -1.37 -9.53
CA GLY B 126 27.79 -0.62 -10.06
C GLY B 126 28.21 0.63 -10.81
N LEU B 127 27.52 1.74 -10.57
CA LEU B 127 27.78 2.98 -11.28
C LEU B 127 29.11 3.61 -10.91
N ASP B 128 29.82 3.08 -9.91
CA ASP B 128 31.12 3.61 -9.53
C ASP B 128 32.27 3.02 -10.33
N ASN B 129 31.99 2.04 -11.21
CA ASN B 129 32.98 1.36 -12.03
C ASN B 129 34.10 0.73 -11.20
N ILE B 130 33.80 0.37 -9.95
CA ILE B 130 34.79 -0.23 -9.06
C ILE B 130 34.23 -1.53 -8.51
N CYS B 131 34.99 -2.61 -8.64
CA CYS B 131 34.62 -3.92 -8.10
C CYS B 131 35.27 -4.05 -6.73
N SER B 132 34.48 -3.79 -5.69
CA SER B 132 34.98 -3.81 -4.32
C SER B 132 35.01 -5.25 -3.80
N ILE B 133 36.17 -5.66 -3.28
CA ILE B 133 36.35 -6.98 -2.69
C ILE B 133 36.31 -6.84 -1.17
N TYR B 134 35.59 -7.75 -0.52
CA TYR B 134 35.42 -7.72 0.93
C TYR B 134 35.93 -9.02 1.52
N ASN B 135 36.67 -8.91 2.63
CA ASN B 135 37.20 -10.08 3.33
C ASN B 135 36.18 -10.55 4.36
N LEU B 136 35.74 -11.80 4.22
CA LEU B 136 34.75 -12.38 5.11
C LEU B 136 35.36 -13.21 6.23
N LYS B 137 36.67 -13.46 6.20
CA LYS B 137 37.33 -14.32 7.17
C LYS B 137 38.50 -13.59 7.82
N THR B 138 38.26 -12.35 8.24
CA THR B 138 39.28 -11.61 8.96
C THR B 138 39.48 -12.20 10.35
N ARG B 139 40.73 -12.16 10.82
CA ARG B 139 41.03 -12.70 12.13
C ARG B 139 40.43 -11.84 13.23
N GLU B 140 40.14 -10.57 12.93
CA GLU B 140 39.44 -9.72 13.90
C GLU B 140 37.98 -10.13 14.04
N GLY B 141 37.36 -10.59 12.96
CA GLY B 141 35.99 -11.02 12.95
C GLY B 141 35.05 -10.18 12.12
N ASN B 142 35.42 -8.94 11.82
CA ASN B 142 34.56 -8.04 11.08
C ASN B 142 34.86 -8.10 9.58
N VAL B 143 33.97 -7.51 8.80
CA VAL B 143 34.07 -7.49 7.34
C VAL B 143 34.40 -6.07 6.90
N ARG B 144 35.50 -5.92 6.16
CA ARG B 144 35.88 -4.65 5.57
C ARG B 144 36.38 -4.87 4.14
N VAL B 145 36.64 -3.75 3.46
CA VAL B 145 37.03 -3.81 2.06
C VAL B 145 38.43 -4.39 1.95
N SER B 146 38.62 -5.32 1.01
CA SER B 146 39.92 -5.90 0.74
C SER B 146 40.66 -5.14 -0.35
N ARG B 147 40.04 -4.98 -1.51
CA ARG B 147 40.63 -4.24 -2.62
C ARG B 147 39.54 -3.54 -3.41
N GLU B 148 39.88 -2.37 -3.96
CA GLU B 148 39.00 -1.61 -4.84
C GLU B 148 39.57 -1.72 -6.26
N LEU B 149 38.93 -2.53 -7.09
CA LEU B 149 39.39 -2.76 -8.46
C LEU B 149 38.87 -1.64 -9.34
N ALA B 150 39.73 -0.65 -9.61
CA ALA B 150 39.38 0.48 -10.46
C ALA B 150 40.10 0.39 -11.79
N GLY B 151 39.51 1.01 -12.81
CA GLY B 151 40.09 0.98 -14.14
C GLY B 151 39.05 0.93 -15.24
N HIS B 152 37.83 0.54 -14.90
CA HIS B 152 36.73 0.53 -15.86
C HIS B 152 36.19 1.94 -16.06
N THR B 153 35.86 2.27 -17.31
CA THR B 153 35.29 3.55 -17.65
C THR B 153 33.77 3.50 -17.83
N GLY B 154 33.14 2.41 -17.41
CA GLY B 154 31.69 2.28 -17.48
C GLY B 154 31.17 1.56 -16.26
N TYR B 155 29.85 1.61 -16.10
CA TYR B 155 29.21 1.02 -14.93
C TYR B 155 29.41 -0.50 -14.90
N LEU B 156 29.65 -1.02 -13.70
CA LEU B 156 29.81 -2.45 -13.51
C LEU B 156 28.45 -3.13 -13.59
N SER B 157 28.34 -4.13 -14.47
CA SER B 157 27.08 -4.84 -14.66
C SER B 157 27.10 -6.27 -14.14
N CYS B 158 28.25 -6.92 -14.13
CA CYS B 158 28.34 -8.29 -13.64
C CYS B 158 29.79 -8.60 -13.28
N CYS B 159 29.96 -9.53 -12.35
CA CYS B 159 31.28 -9.97 -11.92
C CYS B 159 31.16 -11.38 -11.37
N ARG B 160 32.16 -12.22 -11.67
CA ARG B 160 32.17 -13.61 -11.23
C ARG B 160 33.57 -13.98 -10.80
N PHE B 161 33.67 -14.68 -9.66
CA PHE B 161 34.96 -15.10 -9.12
C PHE B 161 35.46 -16.35 -9.84
N LEU B 162 36.74 -16.34 -10.20
CA LEU B 162 37.40 -17.55 -10.67
C LEU B 162 38.10 -18.28 -9.52
N ASP B 163 38.70 -17.54 -8.62
CA ASP B 163 39.33 -18.08 -7.42
C ASP B 163 39.40 -16.94 -6.40
N ASP B 164 40.19 -17.16 -5.33
CA ASP B 164 40.34 -16.12 -4.31
C ASP B 164 41.12 -14.92 -4.82
N ASN B 165 41.82 -15.05 -5.95
CA ASN B 165 42.69 -13.99 -6.44
C ASN B 165 42.37 -13.53 -7.85
N GLN B 166 41.49 -14.22 -8.58
CA GLN B 166 41.14 -13.86 -9.94
C GLN B 166 39.64 -13.62 -10.05
N ILE B 167 39.26 -12.64 -10.87
CA ILE B 167 37.85 -12.30 -11.06
C ILE B 167 37.69 -11.53 -12.37
N VAL B 168 36.69 -11.91 -13.16
CA VAL B 168 36.35 -11.22 -14.40
C VAL B 168 35.16 -10.30 -14.14
N THR B 169 35.19 -9.12 -14.77
CA THR B 169 34.13 -8.13 -14.62
C THR B 169 33.64 -7.69 -15.99
N SER B 170 32.36 -7.34 -16.05
CA SER B 170 31.76 -6.77 -17.24
C SER B 170 31.32 -5.35 -16.93
N SER B 171 31.57 -4.44 -17.86
CA SER B 171 31.34 -3.02 -17.65
C SER B 171 30.55 -2.43 -18.81
N GLY B 172 29.93 -1.28 -18.54
CA GLY B 172 29.16 -0.57 -19.54
C GLY B 172 29.98 0.09 -20.64
N ASP B 173 31.31 0.01 -20.56
CA ASP B 173 32.18 0.57 -21.59
C ASP B 173 32.49 -0.41 -22.70
N THR B 174 31.60 -1.40 -22.92
CA THR B 174 31.72 -2.39 -23.98
C THR B 174 32.97 -3.26 -23.84
N THR B 175 33.52 -3.37 -22.64
CA THR B 175 34.73 -4.15 -22.42
C THR B 175 34.57 -5.03 -21.18
N CYS B 176 35.29 -6.15 -21.19
CA CYS B 176 35.40 -7.03 -20.04
C CYS B 176 36.88 -7.14 -19.66
N ALA B 177 37.14 -7.37 -18.36
CA ALA B 177 38.50 -7.38 -17.86
C ALA B 177 38.68 -8.47 -16.83
N LEU B 178 39.85 -9.11 -16.86
CA LEU B 178 40.27 -10.06 -15.85
C LEU B 178 41.20 -9.36 -14.86
N TRP B 179 40.92 -9.51 -13.58
CA TRP B 179 41.60 -8.76 -12.53
C TRP B 179 42.44 -9.68 -11.66
N ASP B 180 43.51 -9.11 -11.12
CA ASP B 180 44.37 -9.76 -10.14
C ASP B 180 44.10 -9.11 -8.79
N ILE B 181 43.47 -9.86 -7.88
CA ILE B 181 43.06 -9.28 -6.61
C ILE B 181 44.26 -8.96 -5.73
N GLU B 182 45.38 -9.67 -5.92
CA GLU B 182 46.57 -9.42 -5.11
C GLU B 182 47.20 -8.09 -5.47
N THR B 183 47.39 -7.83 -6.77
CA THR B 183 48.05 -6.62 -7.22
C THR B 183 47.08 -5.51 -7.59
N GLY B 184 45.85 -5.85 -7.94
CA GLY B 184 44.88 -4.83 -8.37
C GLY B 184 45.11 -4.36 -9.78
N GLN B 185 45.52 -5.24 -10.69
CA GLN B 185 45.82 -4.90 -12.06
C GLN B 185 45.01 -5.77 -13.01
N GLN B 186 44.64 -5.18 -14.14
CA GLN B 186 43.93 -5.92 -15.18
C GLN B 186 44.95 -6.69 -16.02
N THR B 187 44.96 -8.01 -15.88
CA THR B 187 45.89 -8.84 -16.64
C THR B 187 45.43 -9.11 -18.06
N THR B 188 44.14 -8.97 -18.34
CA THR B 188 43.61 -9.21 -19.67
C THR B 188 42.32 -8.41 -19.84
N THR B 189 42.24 -7.63 -20.92
CA THR B 189 41.06 -6.86 -21.25
C THR B 189 40.45 -7.40 -22.54
N PHE B 190 39.15 -7.67 -22.51
CA PHE B 190 38.42 -8.26 -23.63
C PHE B 190 37.64 -7.17 -24.35
N THR B 191 38.03 -6.88 -25.59
CA THR B 191 37.38 -5.87 -26.40
C THR B 191 36.76 -6.52 -27.64
N GLY B 192 35.77 -5.84 -28.19
CA GLY B 192 35.08 -6.35 -29.37
C GLY B 192 33.60 -6.05 -29.38
N HIS B 193 33.03 -5.77 -28.21
CA HIS B 193 31.62 -5.44 -28.12
C HIS B 193 31.37 -3.99 -28.52
N THR B 194 30.16 -3.74 -29.03
CA THR B 194 29.76 -2.41 -29.42
C THR B 194 28.70 -1.80 -28.51
N GLY B 195 27.98 -2.61 -27.74
CA GLY B 195 26.97 -2.13 -26.83
C GLY B 195 27.37 -2.35 -25.38
N ASP B 196 26.58 -1.73 -24.50
CA ASP B 196 26.83 -1.81 -23.06
C ASP B 196 26.71 -3.26 -22.59
N VAL B 197 27.80 -3.80 -22.04
CA VAL B 197 27.80 -5.18 -21.56
C VAL B 197 26.91 -5.26 -20.32
N MET B 198 25.99 -6.24 -20.32
CA MET B 198 25.01 -6.38 -19.25
C MET B 198 25.26 -7.55 -18.31
N SER B 199 25.84 -8.65 -18.80
CA SER B 199 25.99 -9.83 -17.96
C SER B 199 27.10 -10.71 -18.52
N LEU B 200 27.70 -11.50 -17.64
CA LEU B 200 28.68 -12.51 -17.99
C LEU B 200 28.36 -13.81 -17.26
N SER B 201 29.02 -14.88 -17.67
CA SER B 201 28.82 -16.19 -17.05
C SER B 201 30.00 -17.08 -17.40
N LEU B 202 30.66 -17.64 -16.39
CA LEU B 202 31.78 -18.54 -16.62
C LEU B 202 31.30 -19.95 -16.95
N ALA B 203 32.14 -20.68 -17.68
CA ALA B 203 31.90 -22.10 -17.92
C ALA B 203 32.25 -22.89 -16.66
N PRO B 204 31.78 -24.14 -16.56
CA PRO B 204 32.17 -24.96 -15.40
C PRO B 204 33.65 -25.16 -15.25
N ASP B 205 34.41 -25.11 -16.35
CA ASP B 205 35.86 -25.20 -16.31
C ASP B 205 36.52 -23.83 -16.14
N THR B 206 35.72 -22.76 -16.05
CA THR B 206 36.16 -21.38 -15.78
C THR B 206 37.28 -20.90 -16.70
N ARG B 207 37.49 -21.57 -17.82
CA ARG B 207 38.48 -21.10 -18.80
C ARG B 207 37.85 -20.27 -19.91
N LEU B 208 36.54 -20.40 -20.15
CA LEU B 208 35.82 -19.59 -21.11
C LEU B 208 34.62 -18.96 -20.43
N PHE B 209 34.13 -17.87 -21.03
CA PHE B 209 32.94 -17.21 -20.52
C PHE B 209 32.30 -16.39 -21.63
N VAL B 210 30.98 -16.48 -21.72
CA VAL B 210 30.21 -15.72 -22.69
C VAL B 210 29.84 -14.37 -22.10
N SER B 211 29.52 -13.43 -22.98
CA SER B 211 29.22 -12.07 -22.56
C SER B 211 28.02 -11.55 -23.35
N GLY B 212 27.12 -10.85 -22.65
CA GLY B 212 25.97 -10.25 -23.30
C GLY B 212 25.96 -8.74 -23.20
N ALA B 213 25.90 -8.07 -24.34
CA ALA B 213 25.96 -6.62 -24.40
C ALA B 213 24.67 -6.07 -25.01
N CYS B 214 24.60 -4.74 -25.09
CA CYS B 214 23.44 -4.05 -25.64
C CYS B 214 23.55 -3.86 -27.15
N ASP B 215 23.83 -4.96 -27.87
CA ASP B 215 23.92 -4.91 -29.32
C ASP B 215 23.32 -6.16 -29.96
N ALA B 216 22.50 -6.92 -29.23
CA ALA B 216 21.86 -8.13 -29.74
C ALA B 216 22.90 -9.14 -30.22
N SER B 217 23.98 -9.30 -29.46
CA SER B 217 25.06 -10.21 -29.82
C SER B 217 25.74 -10.72 -28.55
N ALA B 218 26.20 -11.97 -28.62
CA ALA B 218 26.94 -12.59 -27.54
C ALA B 218 28.27 -13.10 -28.08
N LYS B 219 29.32 -12.96 -27.28
CA LYS B 219 30.67 -13.34 -27.68
C LYS B 219 31.24 -14.37 -26.72
N LEU B 220 32.01 -15.30 -27.26
CA LEU B 220 32.73 -16.29 -26.47
C LEU B 220 34.16 -15.82 -26.26
N TRP B 221 34.62 -15.85 -25.01
CA TRP B 221 35.93 -15.36 -24.66
C TRP B 221 36.79 -16.46 -24.05
N ASP B 222 38.09 -16.28 -24.14
CA ASP B 222 39.07 -17.14 -23.49
C ASP B 222 39.80 -16.31 -22.44
N VAL B 223 39.76 -16.78 -21.19
CA VAL B 223 40.27 -15.98 -20.09
C VAL B 223 41.79 -15.85 -20.17
N ARG B 224 42.46 -16.85 -20.76
CA ARG B 224 43.93 -16.83 -20.80
C ARG B 224 44.43 -15.97 -21.97
N GLU B 225 44.10 -16.35 -23.20
CA GLU B 225 44.62 -15.63 -24.36
C GLU B 225 43.88 -14.32 -24.59
N GLY B 226 42.65 -14.18 -24.12
CA GLY B 226 41.93 -12.93 -24.22
C GLY B 226 41.43 -12.60 -25.61
N MET B 227 40.94 -13.61 -26.33
CA MET B 227 40.44 -13.43 -27.68
C MET B 227 38.96 -13.81 -27.74
N CYS B 228 38.24 -13.17 -28.65
CA CYS B 228 36.83 -13.47 -28.87
C CYS B 228 36.72 -14.67 -29.77
N ARG B 229 36.38 -15.83 -29.19
CA ARG B 229 36.34 -17.07 -29.96
C ARG B 229 35.21 -17.04 -30.99
N GLN B 230 33.98 -16.86 -30.53
CA GLN B 230 32.81 -16.91 -31.40
C GLN B 230 31.91 -15.72 -31.10
N THR B 231 31.05 -15.41 -32.07
CA THR B 231 30.06 -14.35 -31.96
C THR B 231 28.70 -14.90 -32.38
N PHE B 232 27.70 -14.73 -31.54
CA PHE B 232 26.36 -15.27 -31.77
C PHE B 232 25.36 -14.12 -31.85
N THR B 233 24.63 -14.05 -32.95
CA THR B 233 23.57 -13.07 -33.13
C THR B 233 22.24 -13.79 -33.33
N GLY B 234 21.17 -13.01 -33.45
CA GLY B 234 19.85 -13.57 -33.59
C GLY B 234 18.80 -12.80 -32.81
N HIS B 235 19.25 -12.13 -31.75
CA HIS B 235 18.35 -11.29 -30.96
C HIS B 235 18.07 -9.98 -31.68
N GLU B 236 17.03 -9.28 -31.22
CA GLU B 236 16.61 -8.04 -31.85
C GLU B 236 16.82 -6.81 -30.97
N SER B 237 17.06 -6.99 -29.67
CA SER B 237 17.23 -5.86 -28.77
C SER B 237 18.41 -6.16 -27.84
N ASP B 238 18.57 -5.30 -26.82
CA ASP B 238 19.70 -5.42 -25.91
C ASP B 238 19.60 -6.69 -25.08
N ILE B 239 20.67 -7.47 -25.09
CA ILE B 239 20.75 -8.67 -24.26
C ILE B 239 20.93 -8.24 -22.81
N ASN B 240 20.02 -8.69 -21.94
CA ASN B 240 20.02 -8.26 -20.55
C ASN B 240 20.68 -9.24 -19.60
N ALA B 241 20.65 -10.54 -19.91
CA ALA B 241 21.21 -11.54 -19.01
C ALA B 241 21.73 -12.72 -19.82
N ILE B 242 22.65 -13.46 -19.23
CA ILE B 242 23.26 -14.61 -19.88
C ILE B 242 23.63 -15.63 -18.80
N CYS B 243 23.68 -16.90 -19.19
CA CYS B 243 23.99 -17.97 -18.26
C CYS B 243 24.43 -19.20 -19.05
N PHE B 244 25.45 -19.89 -18.55
CA PHE B 244 25.98 -21.07 -19.21
C PHE B 244 25.15 -22.30 -18.91
N PHE B 245 25.26 -23.29 -19.80
CA PHE B 245 24.68 -24.59 -19.55
C PHE B 245 25.55 -25.38 -18.57
N PRO B 246 24.96 -26.27 -17.79
CA PRO B 246 25.76 -27.06 -16.82
C PRO B 246 26.88 -27.87 -17.47
N ASN B 247 26.82 -28.16 -18.76
CA ASN B 247 27.89 -28.88 -19.44
C ASN B 247 28.93 -27.96 -20.06
N GLY B 248 28.65 -26.65 -20.14
CA GLY B 248 29.60 -25.71 -20.70
C GLY B 248 29.68 -25.71 -22.21
N ASN B 249 28.69 -26.28 -22.90
CA ASN B 249 28.67 -26.34 -24.36
C ASN B 249 27.56 -25.49 -24.96
N ALA B 250 26.81 -24.76 -24.15
CA ALA B 250 25.74 -23.93 -24.64
C ALA B 250 25.44 -22.86 -23.59
N PHE B 251 24.57 -21.92 -23.96
CA PHE B 251 24.18 -20.85 -23.05
C PHE B 251 22.87 -20.24 -23.53
N ALA B 252 22.18 -19.58 -22.62
CA ALA B 252 20.91 -18.92 -22.90
C ALA B 252 21.07 -17.41 -22.74
N THR B 253 20.18 -16.66 -23.38
CA THR B 253 20.24 -15.21 -23.39
C THR B 253 18.85 -14.64 -23.12
N GLY B 254 18.82 -13.54 -22.36
CA GLY B 254 17.59 -12.80 -22.15
C GLY B 254 17.70 -11.39 -22.66
N SER B 255 16.79 -10.99 -23.55
CA SER B 255 16.87 -9.70 -24.21
C SER B 255 15.61 -8.90 -23.93
N ASP B 256 15.62 -7.64 -24.41
CA ASP B 256 14.48 -6.75 -24.28
C ASP B 256 13.40 -7.02 -25.33
N ASP B 257 13.66 -7.89 -26.31
CA ASP B 257 12.69 -8.23 -27.34
C ASP B 257 11.68 -9.28 -26.90
N ALA B 258 11.58 -9.53 -25.58
CA ALA B 258 10.54 -10.39 -25.01
C ALA B 258 10.67 -11.83 -25.51
N THR B 259 11.89 -12.34 -25.50
CA THR B 259 12.14 -13.73 -25.87
C THR B 259 13.50 -14.17 -25.33
N CYS B 260 13.61 -15.48 -25.11
CA CYS B 260 14.87 -16.10 -24.73
C CYS B 260 15.34 -17.00 -25.87
N ARG B 261 16.64 -17.01 -26.10
CA ARG B 261 17.23 -17.84 -27.15
C ARG B 261 18.43 -18.61 -26.58
N LEU B 262 18.52 -19.88 -26.96
CA LEU B 262 19.60 -20.75 -26.52
C LEU B 262 20.58 -20.93 -27.67
N PHE B 263 21.82 -20.47 -27.47
CA PHE B 263 22.87 -20.59 -28.47
C PHE B 263 23.71 -21.83 -28.19
N ASP B 264 24.63 -22.12 -29.12
CA ASP B 264 25.44 -23.32 -29.05
C ASP B 264 26.88 -22.98 -29.40
N LEU B 265 27.83 -23.54 -28.64
CA LEU B 265 29.23 -23.22 -28.85
C LEU B 265 29.79 -23.92 -30.08
N ARG B 266 29.80 -25.24 -30.08
CA ARG B 266 30.40 -25.98 -31.19
C ARG B 266 29.54 -25.95 -32.45
N ALA B 267 28.31 -25.44 -32.38
CA ALA B 267 27.47 -25.27 -33.55
C ALA B 267 27.46 -23.85 -34.08
N ASP B 268 27.72 -22.85 -33.24
CA ASP B 268 27.80 -21.45 -33.65
C ASP B 268 26.52 -21.00 -34.36
N GLN B 269 25.38 -21.34 -33.75
CA GLN B 269 24.08 -21.00 -34.33
C GLN B 269 23.02 -21.05 -33.25
N GLU B 270 22.04 -20.17 -33.36
CA GLU B 270 20.93 -20.16 -32.42
C GLU B 270 20.06 -21.40 -32.61
N LEU B 271 19.72 -22.06 -31.50
CA LEU B 271 18.93 -23.28 -31.52
C LEU B 271 17.45 -23.05 -31.21
N MET B 272 17.14 -22.48 -30.06
CA MET B 272 15.77 -22.35 -29.60
C MET B 272 15.41 -20.89 -29.39
N THR B 273 14.10 -20.62 -29.47
CA THR B 273 13.55 -19.29 -29.22
C THR B 273 12.36 -19.44 -28.29
N TYR B 274 12.50 -18.98 -27.05
CA TYR B 274 11.45 -19.09 -26.04
C TYR B 274 10.67 -17.78 -26.01
N SER B 275 9.47 -17.79 -26.60
CA SER B 275 8.66 -16.58 -26.68
C SER B 275 7.19 -16.97 -26.75
N HIS B 276 6.33 -15.98 -26.51
CA HIS B 276 4.89 -16.15 -26.64
C HIS B 276 4.28 -14.80 -27.01
N ASP B 277 3.10 -14.85 -27.63
CA ASP B 277 2.44 -13.62 -28.06
C ASP B 277 1.94 -12.80 -26.87
N ASN B 278 1.48 -13.46 -25.81
CA ASN B 278 0.98 -12.73 -24.65
C ASN B 278 2.08 -12.08 -23.84
N ILE B 279 3.33 -12.53 -23.99
CA ILE B 279 4.47 -11.96 -23.29
C ILE B 279 5.13 -10.95 -24.21
N ILE B 280 5.01 -9.67 -23.88
CA ILE B 280 5.58 -8.59 -24.67
C ILE B 280 6.61 -7.80 -23.88
N CYS B 281 7.06 -8.35 -22.74
CA CYS B 281 8.05 -7.70 -21.90
C CYS B 281 9.35 -8.51 -21.93
N GLY B 282 10.47 -7.81 -21.82
CA GLY B 282 11.77 -8.42 -21.91
C GLY B 282 12.07 -9.35 -20.75
N ILE B 283 13.28 -9.90 -20.78
CA ILE B 283 13.78 -10.80 -19.75
C ILE B 283 14.89 -10.11 -18.99
N THR B 284 14.80 -10.10 -17.66
CA THR B 284 15.78 -9.43 -16.82
C THR B 284 16.85 -10.35 -16.28
N SER B 285 16.57 -11.65 -16.17
CA SER B 285 17.54 -12.60 -15.64
C SER B 285 17.25 -13.97 -16.21
N VAL B 286 18.31 -14.77 -16.36
CA VAL B 286 18.20 -16.15 -16.84
C VAL B 286 19.10 -17.03 -15.99
N SER B 287 18.66 -18.27 -15.78
CA SER B 287 19.43 -19.24 -15.01
C SER B 287 18.94 -20.65 -15.27
N PHE B 288 19.86 -21.57 -15.54
CA PHE B 288 19.52 -22.97 -15.75
C PHE B 288 19.52 -23.72 -14.43
N SER B 289 18.78 -24.81 -14.39
CA SER B 289 18.73 -25.67 -13.21
C SER B 289 19.97 -26.56 -13.19
N LYS B 290 20.01 -27.52 -12.25
CA LYS B 290 21.16 -28.40 -12.17
C LYS B 290 21.24 -29.32 -13.38
N SER B 291 20.10 -29.78 -13.87
CA SER B 291 20.08 -30.66 -15.04
C SER B 291 20.12 -29.88 -16.35
N GLY B 292 19.64 -28.64 -16.34
CA GLY B 292 19.49 -27.87 -17.56
C GLY B 292 18.18 -28.11 -18.29
N ARG B 293 17.29 -28.93 -17.74
CA ARG B 293 16.02 -29.22 -18.39
C ARG B 293 15.09 -28.03 -18.39
N LEU B 294 15.11 -27.25 -17.31
CA LEU B 294 14.29 -26.05 -17.19
C LEU B 294 15.14 -24.81 -17.33
N LEU B 295 14.59 -23.78 -17.97
CA LEU B 295 15.25 -22.49 -18.13
C LEU B 295 14.38 -21.45 -17.41
N LEU B 296 14.85 -21.01 -16.25
CA LEU B 296 14.14 -20.00 -15.47
C LEU B 296 14.51 -18.62 -15.96
N ALA B 297 13.52 -17.75 -16.11
CA ALA B 297 13.73 -16.43 -16.66
C ALA B 297 12.86 -15.41 -15.91
N GLY B 298 13.48 -14.34 -15.46
CA GLY B 298 12.77 -13.25 -14.81
C GLY B 298 12.37 -12.21 -15.84
N TYR B 299 11.11 -11.80 -15.82
CA TYR B 299 10.56 -10.88 -16.79
C TYR B 299 10.26 -9.54 -16.14
N ASP B 300 9.93 -8.56 -16.99
CA ASP B 300 9.62 -7.22 -16.52
C ASP B 300 8.16 -7.06 -16.08
N ASP B 301 7.32 -8.08 -16.27
CA ASP B 301 5.94 -8.04 -15.82
C ASP B 301 5.78 -8.48 -14.37
N PHE B 302 6.86 -8.39 -13.57
CA PHE B 302 6.94 -8.72 -12.16
C PHE B 302 6.78 -10.22 -11.92
N ASN B 303 6.89 -11.05 -12.96
CA ASN B 303 6.68 -12.49 -12.84
C ASN B 303 7.92 -13.21 -13.36
N CYS B 304 8.01 -14.50 -13.05
CA CYS B 304 9.08 -15.37 -13.51
C CYS B 304 8.47 -16.58 -14.21
N ASN B 305 9.01 -16.93 -15.37
CA ASN B 305 8.46 -17.99 -16.21
C ASN B 305 9.50 -19.09 -16.39
N VAL B 306 9.13 -20.31 -16.05
CA VAL B 306 10.01 -21.47 -16.19
C VAL B 306 9.79 -22.06 -17.57
N TRP B 307 10.82 -21.99 -18.42
CA TRP B 307 10.76 -22.47 -19.78
C TRP B 307 11.36 -23.87 -19.89
N ASP B 308 10.71 -24.72 -20.68
CA ASP B 308 11.27 -26.03 -21.01
C ASP B 308 12.37 -25.85 -22.05
N ALA B 309 13.61 -26.13 -21.68
CA ALA B 309 14.74 -25.84 -22.56
C ALA B 309 14.69 -26.69 -23.82
N LEU B 310 13.97 -27.81 -23.81
CA LEU B 310 13.93 -28.70 -24.96
C LEU B 310 12.71 -28.50 -25.83
N LYS B 311 11.55 -28.23 -25.24
CA LYS B 311 10.32 -28.09 -26.00
C LYS B 311 9.89 -26.64 -26.20
N ALA B 312 10.57 -25.69 -25.56
CA ALA B 312 10.28 -24.25 -25.65
C ALA B 312 8.91 -23.87 -25.14
N ASP B 313 8.19 -24.80 -24.51
CA ASP B 313 6.90 -24.51 -23.92
C ASP B 313 7.04 -24.19 -22.44
N ARG B 314 6.30 -23.18 -21.99
CA ARG B 314 6.40 -22.75 -20.60
C ARG B 314 5.80 -23.81 -19.68
N ALA B 315 6.63 -24.34 -18.79
CA ALA B 315 6.22 -25.39 -17.88
C ALA B 315 5.80 -24.89 -16.51
N GLY B 316 5.92 -23.59 -16.25
CA GLY B 316 5.53 -23.05 -14.96
C GLY B 316 5.73 -21.56 -14.82
N VAL B 317 4.97 -20.93 -13.93
CA VAL B 317 5.04 -19.51 -13.66
C VAL B 317 5.30 -19.30 -12.19
N LEU B 318 6.15 -18.33 -11.86
CA LEU B 318 6.52 -18.01 -10.48
C LEU B 318 5.95 -16.63 -10.16
N ALA B 319 4.72 -16.61 -9.66
CA ALA B 319 4.04 -15.37 -9.28
C ALA B 319 4.15 -15.14 -7.78
N GLY B 320 4.11 -13.87 -7.39
CA GLY B 320 4.20 -13.52 -5.99
C GLY B 320 4.98 -12.24 -5.74
N HIS B 321 5.79 -11.84 -6.70
CA HIS B 321 6.58 -10.62 -6.57
C HIS B 321 5.75 -9.43 -7.04
N ASP B 322 5.76 -8.36 -6.24
CA ASP B 322 4.95 -7.18 -6.51
C ASP B 322 5.70 -6.11 -7.30
N ASN B 323 6.89 -6.40 -7.79
CA ASN B 323 7.64 -5.44 -8.59
C ASN B 323 8.58 -6.21 -9.52
N ARG B 324 9.37 -5.46 -10.28
CA ARG B 324 10.16 -6.05 -11.35
C ARG B 324 11.21 -7.00 -10.80
N VAL B 325 11.25 -8.22 -11.35
CA VAL B 325 12.26 -9.21 -10.99
C VAL B 325 13.58 -8.82 -11.64
N SER B 326 14.65 -8.79 -10.84
CA SER B 326 15.97 -8.38 -11.32
C SER B 326 16.91 -9.56 -11.56
N CYS B 327 17.04 -10.45 -10.58
CA CYS B 327 18.03 -11.50 -10.60
C CYS B 327 17.37 -12.85 -10.38
N LEU B 328 18.11 -13.91 -10.70
CA LEU B 328 17.64 -15.27 -10.52
C LEU B 328 18.84 -16.18 -10.35
N GLY B 329 18.81 -17.00 -9.29
CA GLY B 329 19.93 -17.88 -9.02
C GLY B 329 19.51 -19.27 -8.59
N VAL B 330 20.08 -20.29 -9.22
CA VAL B 330 19.83 -21.68 -8.89
C VAL B 330 21.03 -22.21 -8.11
N THR B 331 20.76 -22.92 -7.03
CA THR B 331 21.82 -23.44 -6.17
C THR B 331 22.67 -24.45 -6.92
N ASP B 332 23.85 -24.72 -6.35
CA ASP B 332 24.77 -25.67 -6.97
C ASP B 332 24.19 -27.08 -7.00
N ASP B 333 23.48 -27.47 -5.94
CA ASP B 333 22.83 -28.78 -5.91
C ASP B 333 21.44 -28.78 -6.53
N GLY B 334 20.98 -27.63 -7.04
CA GLY B 334 19.67 -27.56 -7.66
C GLY B 334 18.51 -27.72 -6.70
N MET B 335 18.69 -27.38 -5.42
CA MET B 335 17.64 -27.60 -4.44
C MET B 335 16.66 -26.42 -4.38
N ALA B 336 17.18 -25.20 -4.42
CA ALA B 336 16.34 -24.01 -4.26
C ALA B 336 16.66 -22.99 -5.34
N VAL B 337 15.80 -21.99 -5.44
CA VAL B 337 15.95 -20.88 -6.39
C VAL B 337 15.64 -19.59 -5.66
N ALA B 338 16.61 -18.68 -5.62
CA ALA B 338 16.42 -17.37 -5.02
C ALA B 338 16.07 -16.38 -6.11
N THR B 339 14.97 -15.65 -5.92
CA THR B 339 14.45 -14.70 -6.90
C THR B 339 14.35 -13.34 -6.25
N GLY B 340 15.23 -12.43 -6.63
CA GLY B 340 15.18 -11.06 -6.14
C GLY B 340 14.40 -10.17 -7.08
N SER B 341 13.82 -9.11 -6.52
CA SER B 341 13.01 -8.20 -7.29
C SER B 341 13.11 -6.80 -6.70
N TRP B 342 12.47 -5.84 -7.37
CA TRP B 342 12.47 -4.45 -6.95
C TRP B 342 11.55 -4.17 -5.77
N ASP B 343 10.90 -5.19 -5.21
CA ASP B 343 10.08 -5.04 -4.02
C ASP B 343 10.87 -5.21 -2.73
N SER B 344 12.21 -5.18 -2.81
CA SER B 344 13.09 -5.32 -1.66
C SER B 344 12.91 -6.66 -0.95
N PHE B 345 12.51 -7.69 -1.69
CA PHE B 345 12.24 -9.00 -1.13
C PHE B 345 12.97 -10.08 -1.92
N LEU B 346 13.40 -11.11 -1.20
CA LEU B 346 13.98 -12.31 -1.79
C LEU B 346 13.07 -13.49 -1.50
N LYS B 347 12.79 -14.28 -2.53
CA LYS B 347 11.89 -15.43 -2.42
C LYS B 347 12.64 -16.70 -2.79
N ILE B 348 12.46 -17.74 -1.98
CA ILE B 348 13.07 -19.04 -2.20
C ILE B 348 11.97 -19.99 -2.67
N TRP B 349 12.23 -20.69 -3.77
CA TRP B 349 11.25 -21.56 -4.38
C TRP B 349 11.78 -22.99 -4.44
N ASN B 350 10.85 -23.94 -4.58
CA ASN B 350 11.20 -25.35 -4.69
C ASN B 350 10.24 -26.08 -5.62
N LYS C 14 40.50 -4.90 -35.36
CA LYS C 14 39.81 -4.69 -36.63
C LYS C 14 38.60 -5.61 -36.74
N LEU C 15 37.51 -5.09 -37.31
CA LEU C 15 36.30 -5.88 -37.47
C LEU C 15 36.48 -7.01 -38.48
N VAL C 16 37.33 -6.80 -39.48
CA VAL C 16 37.55 -7.83 -40.50
C VAL C 16 38.37 -8.97 -39.93
N GLU C 17 39.43 -8.67 -39.19
CA GLU C 17 40.30 -9.72 -38.66
C GLU C 17 39.56 -10.59 -37.65
N GLN C 18 38.61 -10.01 -36.91
CA GLN C 18 37.81 -10.80 -35.99
C GLN C 18 36.86 -11.74 -36.73
N LEU C 19 36.27 -11.27 -37.83
CA LEU C 19 35.39 -12.14 -38.62
C LEU C 19 36.18 -13.20 -39.37
N LYS C 20 37.43 -12.89 -39.73
CA LYS C 20 38.27 -13.87 -40.40
C LYS C 20 38.62 -15.03 -39.48
N MET C 21 38.85 -14.75 -38.19
CA MET C 21 39.14 -15.82 -37.23
C MET C 21 37.87 -16.55 -36.81
N GLU C 22 36.69 -15.96 -37.00
CA GLU C 22 35.43 -16.62 -36.71
C GLU C 22 34.95 -17.49 -37.86
N ALA C 23 35.59 -17.41 -39.03
CA ALA C 23 35.28 -18.27 -40.17
C ALA C 23 36.17 -19.49 -40.25
N ASN C 24 37.29 -19.51 -39.54
CA ASN C 24 38.19 -20.64 -39.50
C ASN C 24 37.83 -21.65 -38.41
N ILE C 25 36.58 -21.63 -37.95
CA ILE C 25 36.17 -22.46 -36.83
C ILE C 25 35.76 -23.84 -37.34
N ASP C 26 36.30 -24.88 -36.70
CA ASP C 26 35.95 -26.26 -37.04
C ASP C 26 34.64 -26.60 -36.35
N ARG C 27 33.56 -26.07 -36.89
CA ARG C 27 32.23 -26.24 -36.31
C ARG C 27 31.72 -27.66 -36.56
N ILE C 28 30.76 -28.05 -35.73
CA ILE C 28 30.05 -29.31 -35.89
C ILE C 28 28.59 -29.00 -36.20
N LYS C 29 27.89 -30.00 -36.74
CA LYS C 29 26.53 -29.80 -37.21
C LYS C 29 25.53 -29.95 -36.06
N VAL C 30 24.38 -29.28 -36.21
CA VAL C 30 23.49 -29.06 -35.07
C VAL C 30 22.86 -30.36 -34.60
N SER C 31 22.58 -31.27 -35.54
CA SER C 31 21.94 -32.53 -35.15
C SER C 31 22.82 -33.33 -34.20
N LYS C 32 24.13 -33.20 -34.30
CA LYS C 32 25.04 -33.85 -33.35
C LYS C 32 25.01 -33.14 -32.01
N ALA C 33 25.05 -31.81 -32.03
CA ALA C 33 25.05 -31.05 -30.79
C ALA C 33 23.67 -31.00 -30.14
N ALA C 34 22.61 -31.04 -30.93
CA ALA C 34 21.26 -31.08 -30.36
C ALA C 34 21.00 -32.40 -29.64
N ALA C 35 21.64 -33.48 -30.08
CA ALA C 35 21.49 -34.76 -29.42
C ALA C 35 22.37 -34.88 -28.18
N ASP C 36 23.38 -34.01 -28.04
CA ASP C 36 24.24 -34.03 -26.87
C ASP C 36 23.66 -33.22 -25.71
N LEU C 37 23.07 -32.06 -25.99
CA LEU C 37 22.42 -31.29 -24.93
C LEU C 37 21.14 -31.97 -24.46
N MET C 38 20.45 -32.68 -25.36
CA MET C 38 19.25 -33.40 -24.97
C MET C 38 19.59 -34.64 -24.13
N ALA C 39 20.64 -35.36 -24.50
CA ALA C 39 21.06 -36.52 -23.72
C ALA C 39 21.66 -36.12 -22.38
N TYR C 40 22.17 -34.89 -22.26
CA TYR C 40 22.69 -34.43 -20.97
C TYR C 40 21.55 -34.17 -19.99
N CYS C 41 20.48 -33.54 -20.46
CA CYS C 41 19.32 -33.28 -19.59
C CYS C 41 18.58 -34.56 -19.23
N GLU C 42 18.74 -35.63 -20.01
CA GLU C 42 18.07 -36.89 -19.74
C GLU C 42 18.82 -37.74 -18.73
N ALA C 43 20.16 -37.70 -18.76
CA ALA C 43 20.96 -38.46 -17.82
C ALA C 43 21.12 -37.75 -16.48
N HIS C 44 20.97 -36.42 -16.44
CA HIS C 44 21.11 -35.64 -15.22
C HIS C 44 19.77 -35.19 -14.65
N ALA C 45 18.66 -35.71 -15.16
CA ALA C 45 17.35 -35.27 -14.67
C ALA C 45 17.08 -35.81 -13.27
N LYS C 46 17.73 -36.91 -12.88
CA LYS C 46 17.47 -37.52 -11.58
C LYS C 46 18.05 -36.72 -10.44
N GLU C 47 19.20 -36.06 -10.64
CA GLU C 47 19.89 -35.34 -9.58
C GLU C 47 19.40 -33.90 -9.43
N ASP C 48 18.30 -33.53 -10.09
CA ASP C 48 17.74 -32.19 -9.95
C ASP C 48 16.40 -32.27 -9.24
N PRO C 49 16.33 -31.86 -7.96
CA PRO C 49 15.05 -31.95 -7.24
C PRO C 49 13.97 -31.04 -7.80
N LEU C 50 14.33 -30.04 -8.60
CA LEU C 50 13.33 -29.15 -9.17
C LEU C 50 12.43 -29.88 -10.17
N LEU C 51 12.99 -30.83 -10.91
CA LEU C 51 12.20 -31.62 -11.86
C LEU C 51 11.53 -32.82 -11.20
N THR C 52 12.23 -33.49 -10.27
CA THR C 52 11.72 -34.67 -9.57
C THR C 52 11.53 -34.32 -8.11
N PRO C 53 10.36 -33.77 -7.73
CA PRO C 53 10.14 -33.47 -6.31
C PRO C 53 9.90 -34.73 -5.49
N VAL C 54 10.91 -35.14 -4.73
CA VAL C 54 10.80 -36.29 -3.84
C VAL C 54 10.13 -35.81 -2.55
N PRO C 55 9.69 -36.71 -1.66
CA PRO C 55 9.15 -36.25 -0.38
C PRO C 55 10.12 -35.30 0.34
N ALA C 56 9.54 -34.34 1.05
CA ALA C 56 10.30 -33.25 1.66
C ALA C 56 10.92 -33.62 3.00
N SER C 57 11.08 -34.92 3.28
CA SER C 57 11.67 -35.33 4.55
C SER C 57 13.14 -34.89 4.65
N GLU C 58 13.84 -34.86 3.52
CA GLU C 58 15.25 -34.47 3.48
C GLU C 58 15.47 -33.16 2.75
N ASN C 59 14.42 -32.34 2.59
CA ASN C 59 14.55 -31.06 1.93
C ASN C 59 14.81 -29.97 2.97
N PRO C 60 15.91 -29.23 2.88
CA PRO C 60 16.21 -28.21 3.90
C PRO C 60 15.41 -26.92 3.76
N PHE C 61 14.37 -26.89 2.94
CA PHE C 61 13.54 -25.70 2.78
C PHE C 61 12.06 -25.94 3.06
N ARG C 62 11.67 -27.19 3.31
CA ARG C 62 10.27 -27.50 3.61
C ARG C 62 10.14 -28.07 5.02
N GLN D 1 20.27 -10.62 -37.10
CA GLN D 1 21.19 -9.49 -37.17
C GLN D 1 20.51 -8.25 -37.71
N VAL D 2 20.67 -7.13 -37.01
CA VAL D 2 20.06 -5.86 -37.42
C VAL D 2 21.00 -5.19 -38.42
N GLN D 3 20.60 -5.19 -39.70
CA GLN D 3 21.43 -4.59 -40.74
C GLN D 3 21.03 -3.14 -41.01
N LEU D 4 19.78 -2.91 -41.39
CA LEU D 4 19.23 -1.58 -41.65
C LEU D 4 20.05 -0.87 -42.74
N GLN D 5 20.10 -1.49 -43.91
CA GLN D 5 20.89 -0.98 -45.04
C GLN D 5 20.05 0.04 -45.79
N GLU D 6 20.62 1.20 -46.08
CA GLU D 6 19.86 2.30 -46.66
C GLU D 6 20.17 2.44 -48.15
N SER D 7 19.26 3.14 -48.85
CA SER D 7 19.42 3.39 -50.28
C SER D 7 19.20 4.86 -50.58
N GLY D 8 19.31 5.24 -51.85
CA GLY D 8 19.12 6.63 -52.25
C GLY D 8 20.39 7.44 -52.15
N GLY D 9 20.20 8.76 -52.16
CA GLY D 9 21.31 9.69 -52.07
C GLY D 9 21.77 10.17 -53.43
N GLY D 10 22.87 10.91 -53.42
CA GLY D 10 23.47 11.46 -54.61
C GLY D 10 23.53 12.97 -54.58
N LEU D 11 24.03 13.53 -55.68
CA LEU D 11 24.17 14.97 -55.84
C LEU D 11 22.91 15.52 -56.51
N VAL D 12 22.24 16.44 -55.84
CA VAL D 12 21.02 17.08 -56.35
C VAL D 12 21.16 18.58 -56.18
N GLN D 13 20.77 19.32 -57.22
CA GLN D 13 20.84 20.78 -57.16
C GLN D 13 19.89 21.30 -56.09
N PRO D 14 20.16 22.48 -55.53
CA PRO D 14 19.26 23.04 -54.52
C PRO D 14 17.85 23.25 -55.07
N GLY D 15 16.87 22.82 -54.28
CA GLY D 15 15.48 22.88 -54.69
C GLY D 15 14.96 21.63 -55.37
N GLY D 16 15.77 20.58 -55.45
CA GLY D 16 15.36 19.33 -56.09
C GLY D 16 14.57 18.44 -55.16
N SER D 17 14.62 17.14 -55.44
CA SER D 17 13.89 16.14 -54.66
C SER D 17 14.70 14.86 -54.57
N LEU D 18 14.47 14.10 -53.52
CA LEU D 18 15.14 12.82 -53.32
C LEU D 18 14.27 11.95 -52.42
N ARG D 19 14.46 10.63 -52.53
CA ARG D 19 13.68 9.67 -51.77
C ARG D 19 14.63 8.61 -51.21
N LEU D 20 14.71 8.54 -49.88
CA LEU D 20 15.57 7.58 -49.21
C LEU D 20 14.75 6.37 -48.79
N SER D 21 15.42 5.22 -48.70
CA SER D 21 14.75 3.96 -48.36
C SER D 21 15.62 3.15 -47.43
N CYS D 22 15.01 2.58 -46.40
CA CYS D 22 15.68 1.67 -45.48
C CYS D 22 15.31 0.24 -45.83
N ALA D 23 16.31 -0.64 -45.87
CA ALA D 23 16.11 -2.06 -46.12
C ALA D 23 16.32 -2.79 -44.80
N ALA D 24 15.25 -2.88 -44.01
CA ALA D 24 15.33 -3.51 -42.70
C ALA D 24 15.24 -5.02 -42.82
N SER D 25 15.94 -5.71 -41.91
CA SER D 25 15.93 -7.16 -41.88
C SER D 25 16.44 -7.62 -40.52
N GLY D 26 16.12 -8.86 -40.18
CA GLY D 26 16.54 -9.45 -38.93
C GLY D 26 15.59 -9.23 -37.76
N PHE D 27 14.57 -8.40 -37.92
CA PHE D 27 13.61 -8.13 -36.87
C PHE D 27 12.25 -7.84 -37.50
N THR D 28 11.24 -7.65 -36.65
CA THR D 28 9.90 -7.33 -37.09
C THR D 28 9.77 -5.81 -37.24
N PHE D 29 9.52 -5.36 -38.47
CA PHE D 29 9.47 -3.92 -38.74
C PHE D 29 8.24 -3.27 -38.10
N SER D 30 7.17 -4.02 -37.88
CA SER D 30 5.92 -3.43 -37.40
C SER D 30 5.92 -3.16 -35.90
N ASN D 31 6.81 -3.80 -35.15
CA ASN D 31 6.80 -3.66 -33.70
C ASN D 31 7.75 -2.58 -33.18
N TYR D 32 8.67 -2.10 -34.00
CA TYR D 32 9.66 -1.12 -33.59
C TYR D 32 9.37 0.24 -34.23
N LYS D 33 9.71 1.30 -33.50
CA LYS D 33 9.58 2.65 -34.03
C LYS D 33 10.84 3.03 -34.80
N MET D 34 10.63 3.75 -35.91
CA MET D 34 11.71 4.10 -36.82
C MET D 34 12.07 5.57 -36.64
N ASN D 35 13.33 5.90 -36.94
CA ASN D 35 13.83 7.25 -36.81
C ASN D 35 14.75 7.57 -37.98
N TRP D 36 14.95 8.86 -38.22
CA TRP D 36 15.90 9.36 -39.21
C TRP D 36 16.92 10.24 -38.51
N VAL D 37 18.21 9.93 -38.72
CA VAL D 37 19.30 10.66 -38.09
C VAL D 37 20.32 11.03 -39.16
N ARG D 38 20.78 12.28 -39.14
CA ARG D 38 21.77 12.75 -40.09
C ARG D 38 22.96 13.35 -39.34
N GLN D 39 24.12 13.34 -40.00
CA GLN D 39 25.37 13.83 -39.41
C GLN D 39 25.99 14.80 -40.40
N ALA D 40 25.91 16.10 -40.09
CA ALA D 40 26.54 17.10 -40.94
C ALA D 40 28.06 17.01 -40.81
N PRO D 41 28.80 17.37 -41.86
CA PRO D 41 30.27 17.32 -41.80
C PRO D 41 30.80 18.30 -40.75
N GLY D 42 31.51 17.76 -39.76
CA GLY D 42 32.05 18.55 -38.68
C GLY D 42 31.12 18.77 -37.51
N LYS D 43 29.91 18.19 -37.54
CA LYS D 43 28.94 18.33 -36.47
C LYS D 43 28.52 16.96 -35.98
N GLY D 44 27.77 16.94 -34.88
CA GLY D 44 27.29 15.71 -34.29
C GLY D 44 26.00 15.21 -34.93
N LEU D 45 25.59 14.03 -34.49
CA LEU D 45 24.37 13.42 -35.00
C LEU D 45 23.14 14.17 -34.50
N GLU D 46 22.12 14.25 -35.35
CA GLU D 46 20.89 14.95 -35.00
C GLU D 46 19.69 14.18 -35.56
N TRP D 47 18.59 14.21 -34.79
CA TRP D 47 17.37 13.52 -35.17
C TRP D 47 16.62 14.32 -36.23
N VAL D 48 16.13 13.62 -37.26
CA VAL D 48 15.44 14.27 -38.36
C VAL D 48 13.93 14.09 -38.19
N SER D 49 13.48 12.84 -38.20
CA SER D 49 12.06 12.54 -38.10
C SER D 49 11.88 11.10 -37.64
N ASP D 50 10.76 10.86 -36.96
CA ASP D 50 10.37 9.52 -36.56
C ASP D 50 8.91 9.28 -36.92
N ILE D 51 8.52 8.00 -36.89
CA ILE D 51 7.14 7.61 -37.16
C ILE D 51 6.82 6.42 -36.26
N SER D 52 5.60 6.43 -35.71
CA SER D 52 5.18 5.38 -34.79
C SER D 52 5.09 4.04 -35.51
N GLN D 53 4.88 2.98 -34.73
CA GLN D 53 4.80 1.64 -35.29
C GLN D 53 3.59 1.50 -36.19
N SER D 54 2.44 2.06 -35.78
CA SER D 54 1.26 2.03 -36.63
C SER D 54 1.42 2.91 -37.85
N GLY D 55 1.82 4.17 -37.63
CA GLY D 55 2.04 5.10 -38.72
C GLY D 55 1.26 6.39 -38.56
N ALA D 56 0.51 6.51 -37.48
CA ALA D 56 -0.29 7.71 -37.24
C ALA D 56 0.54 8.81 -36.59
N SER D 57 1.15 8.52 -35.44
CA SER D 57 1.95 9.51 -34.75
C SER D 57 3.20 9.82 -35.56
N ILE D 58 3.36 11.08 -35.96
CA ILE D 58 4.43 11.52 -36.85
C ILE D 58 5.01 12.82 -36.32
N SER D 59 6.34 12.90 -36.27
CA SER D 59 7.05 14.09 -35.82
C SER D 59 8.28 14.32 -36.67
N TYR D 60 8.59 15.59 -36.92
CA TYR D 60 9.78 15.99 -37.65
C TYR D 60 10.54 17.04 -36.84
N THR D 61 11.76 17.32 -37.29
CA THR D 61 12.49 18.47 -36.77
C THR D 61 12.00 19.74 -37.45
N GLY D 62 12.27 20.88 -36.80
CA GLY D 62 11.78 22.14 -37.32
C GLY D 62 12.40 22.52 -38.65
N SER D 63 13.63 22.09 -38.91
CA SER D 63 14.30 22.45 -40.15
C SER D 63 13.75 21.67 -41.34
N VAL D 64 13.02 20.57 -41.11
CA VAL D 64 12.48 19.75 -42.18
C VAL D 64 10.96 19.67 -42.15
N LYS D 65 10.30 20.31 -41.18
CA LYS D 65 8.86 20.25 -41.08
C LYS D 65 8.23 21.02 -42.24
N GLY D 66 7.38 20.35 -43.01
CA GLY D 66 6.72 20.93 -44.16
C GLY D 66 7.35 20.57 -45.49
N ARG D 67 8.64 20.24 -45.51
CA ARG D 67 9.34 19.86 -46.73
C ARG D 67 9.52 18.35 -46.85
N PHE D 68 10.03 17.71 -45.81
CA PHE D 68 10.25 16.27 -45.82
C PHE D 68 9.05 15.55 -45.22
N THR D 69 8.85 14.31 -45.66
CA THR D 69 7.75 13.49 -45.14
C THR D 69 8.28 12.09 -44.84
N ILE D 70 7.75 11.48 -43.79
CA ILE D 70 8.15 10.15 -43.37
C ILE D 70 7.09 9.15 -43.81
N SER D 71 7.54 7.95 -44.18
CA SER D 71 6.63 6.90 -44.60
C SER D 71 7.29 5.55 -44.34
N ARG D 72 6.45 4.54 -44.12
CA ARG D 72 6.93 3.19 -43.87
C ARG D 72 5.94 2.19 -44.45
N ASP D 73 6.45 1.16 -45.12
CA ASP D 73 5.64 0.09 -45.66
C ASP D 73 5.85 -1.14 -44.78
N ASN D 74 4.95 -1.32 -43.81
CA ASN D 74 5.08 -2.42 -42.86
C ASN D 74 5.00 -3.78 -43.54
N ALA D 75 4.31 -3.88 -44.68
CA ALA D 75 4.24 -5.14 -45.41
C ALA D 75 5.52 -5.44 -46.16
N LYS D 76 6.33 -4.42 -46.46
CA LYS D 76 7.59 -4.61 -47.18
C LYS D 76 8.80 -4.47 -46.28
N ASN D 77 8.61 -4.13 -45.00
CA ASN D 77 9.71 -3.94 -44.04
C ASN D 77 10.72 -2.91 -44.56
N THR D 78 10.20 -1.72 -44.84
CA THR D 78 11.02 -0.63 -45.37
C THR D 78 10.47 0.70 -44.86
N LEU D 79 11.34 1.72 -44.88
CA LEU D 79 11.00 3.06 -44.44
C LEU D 79 11.42 4.06 -45.51
N TYR D 80 10.50 4.95 -45.86
CA TYR D 80 10.72 5.94 -46.92
C TYR D 80 10.82 7.34 -46.32
N LEU D 81 11.60 8.18 -47.00
CA LEU D 81 11.75 9.60 -46.63
C LEU D 81 11.79 10.41 -47.92
N GLN D 82 10.62 10.89 -48.34
CA GLN D 82 10.51 11.67 -49.56
C GLN D 82 10.94 13.10 -49.25
N MET D 83 12.11 13.49 -49.77
CA MET D 83 12.68 14.81 -49.54
C MET D 83 12.27 15.74 -50.68
N ASN D 84 11.65 16.87 -50.34
CA ASN D 84 11.17 17.83 -51.31
C ASN D 84 11.74 19.21 -51.00
N SER D 85 12.14 19.92 -52.05
CA SER D 85 12.71 21.27 -51.94
C SER D 85 13.90 21.29 -50.98
N LEU D 86 14.92 20.53 -51.34
CA LEU D 86 16.10 20.40 -50.49
C LEU D 86 16.86 21.71 -50.42
N LYS D 87 17.67 21.85 -49.38
CA LYS D 87 18.49 23.03 -49.13
C LYS D 87 19.94 22.59 -48.99
N PRO D 88 20.89 23.47 -49.32
CA PRO D 88 22.31 23.14 -49.09
C PRO D 88 22.64 22.87 -47.63
N GLU D 89 21.76 23.22 -46.70
CA GLU D 89 21.94 22.88 -45.29
C GLU D 89 21.64 21.42 -45.01
N ASP D 90 21.06 20.69 -45.96
CA ASP D 90 20.71 19.30 -45.78
C ASP D 90 21.82 18.34 -46.20
N THR D 91 22.98 18.85 -46.58
CA THR D 91 24.09 18.00 -47.02
C THR D 91 24.68 17.29 -45.81
N ALA D 92 24.38 16.01 -45.66
CA ALA D 92 24.84 15.22 -44.52
C ALA D 92 24.65 13.75 -44.84
N VAL D 93 25.25 12.90 -44.00
CA VAL D 93 25.09 11.46 -44.09
C VAL D 93 23.85 11.07 -43.30
N TYR D 94 22.85 10.51 -43.98
CA TYR D 94 21.57 10.19 -43.37
C TYR D 94 21.57 8.74 -42.90
N TYR D 95 21.45 8.55 -41.59
CA TYR D 95 21.41 7.22 -40.98
C TYR D 95 19.98 6.85 -40.64
N CYS D 96 19.62 5.60 -40.91
CA CYS D 96 18.30 5.09 -40.60
C CYS D 96 18.37 4.40 -39.24
N ALA D 97 17.77 5.02 -38.22
CA ALA D 97 17.94 4.60 -36.85
C ALA D 97 16.73 3.81 -36.37
N ARG D 98 16.95 3.01 -35.32
CA ARG D 98 15.91 2.17 -34.73
C ARG D 98 16.28 1.94 -33.27
N CYS D 99 15.46 2.44 -32.35
CA CYS D 99 15.74 2.23 -30.94
C CYS D 99 15.31 0.82 -30.52
N PRO D 100 16.04 0.19 -29.58
CA PRO D 100 15.90 -1.25 -29.41
C PRO D 100 14.64 -1.68 -28.68
N ALA D 101 13.98 -0.78 -27.97
CA ALA D 101 12.86 -1.23 -27.16
C ALA D 101 11.60 -1.34 -28.02
N PRO D 102 11.03 -2.54 -28.17
CA PRO D 102 9.77 -2.67 -28.90
C PRO D 102 8.57 -2.47 -27.97
N PHE D 103 7.42 -2.20 -28.59
CA PHE D 103 6.16 -1.99 -27.88
C PHE D 103 6.24 -0.83 -26.90
N THR D 104 7.16 0.10 -27.12
CA THR D 104 7.45 1.16 -26.18
C THR D 104 7.20 2.52 -26.82
N ARG D 105 6.70 3.47 -26.01
CA ARG D 105 6.56 4.84 -26.48
C ARG D 105 7.90 5.56 -26.49
N ASP D 106 8.77 5.23 -25.56
CA ASP D 106 10.10 5.85 -25.50
C ASP D 106 11.02 5.24 -26.55
N CYS D 107 11.88 6.09 -27.11
CA CYS D 107 12.84 5.71 -28.15
C CYS D 107 14.20 6.24 -27.70
N PHE D 108 14.99 5.39 -27.06
CA PHE D 108 16.20 5.81 -26.37
C PHE D 108 17.45 5.61 -27.21
N ASP D 109 18.47 6.40 -26.89
CA ASP D 109 19.83 6.27 -27.41
C ASP D 109 19.92 6.38 -28.93
N VAL D 110 18.91 6.96 -29.58
CA VAL D 110 19.09 7.34 -30.97
C VAL D 110 19.98 8.56 -31.04
N THR D 111 20.51 8.82 -32.24
CA THR D 111 21.42 9.94 -32.50
C THR D 111 22.65 9.90 -31.61
N SER D 112 23.11 8.72 -31.23
CA SER D 112 24.25 8.55 -30.34
C SER D 112 25.40 7.88 -31.06
N THR D 113 26.61 8.16 -30.60
CA THR D 113 27.80 7.53 -31.15
C THR D 113 28.04 6.16 -30.51
N THR D 114 28.76 5.31 -31.24
CA THR D 114 28.99 3.92 -30.82
C THR D 114 27.67 3.21 -30.52
N TYR D 115 26.62 3.58 -31.23
CA TYR D 115 25.29 3.04 -31.01
C TYR D 115 24.91 2.12 -32.15
N ALA D 116 24.57 0.88 -31.82
CA ALA D 116 24.19 -0.11 -32.81
C ALA D 116 22.75 0.10 -33.25
N TYR D 117 22.22 -0.88 -33.99
CA TYR D 117 20.83 -0.84 -34.46
C TYR D 117 20.59 0.34 -35.39
N ARG D 118 21.65 0.77 -36.07
CA ARG D 118 21.60 1.89 -36.98
C ARG D 118 22.43 1.57 -38.22
N GLY D 119 21.95 2.04 -39.37
CA GLY D 119 22.61 1.72 -40.62
C GLY D 119 23.92 2.45 -40.82
N GLN D 120 24.60 2.08 -41.90
CA GLN D 120 25.89 2.68 -42.22
C GLN D 120 25.76 4.12 -42.68
N GLY D 121 24.62 4.50 -43.25
CA GLY D 121 24.38 5.87 -43.64
C GLY D 121 24.51 6.07 -45.14
N THR D 122 23.64 6.92 -45.67
CA THR D 122 23.67 7.33 -47.07
C THR D 122 24.00 8.80 -47.17
N GLN D 123 24.73 9.18 -48.21
CA GLN D 123 25.21 10.54 -48.39
C GLN D 123 24.29 11.28 -49.35
N VAL D 124 23.64 12.32 -48.86
CA VAL D 124 22.81 13.20 -49.68
C VAL D 124 23.50 14.55 -49.75
N THR D 125 24.06 14.87 -50.92
CA THR D 125 24.82 16.09 -51.11
C THR D 125 24.00 17.07 -51.95
N VAL D 126 23.72 18.23 -51.40
CA VAL D 126 22.96 19.25 -52.10
C VAL D 126 23.82 20.49 -52.36
N CYS E 16 -28.69 11.75 24.78
CA CYS E 16 -27.91 12.97 24.89
C CYS E 16 -28.35 14.00 23.88
N ARG E 17 -27.53 15.06 23.74
CA ARG E 17 -27.60 15.96 22.60
C ARG E 17 -26.60 15.59 21.52
N PHE E 18 -25.68 14.67 21.78
CA PHE E 18 -24.74 14.17 20.79
C PHE E 18 -25.43 13.07 19.98
N GLY E 19 -24.65 12.36 19.17
CA GLY E 19 -25.18 11.28 18.36
C GLY E 19 -24.60 9.93 18.73
N THR E 20 -23.58 9.94 19.59
CA THR E 20 -22.85 8.72 19.92
C THR E 20 -23.54 7.90 21.01
N CYS E 21 -24.37 8.52 21.84
CA CYS E 21 -25.01 7.81 22.96
C CYS E 21 -26.13 6.87 22.51
N THR E 22 -26.36 6.72 21.21
CA THR E 22 -27.45 5.87 20.75
C THR E 22 -27.28 4.43 21.20
N VAL E 23 -26.03 3.98 21.40
CA VAL E 23 -25.82 2.63 21.90
C VAL E 23 -26.31 2.51 23.35
N GLN E 24 -26.01 3.51 24.18
CA GLN E 24 -26.43 3.45 25.58
C GLN E 24 -27.94 3.67 25.71
N LYS E 25 -28.48 4.62 24.96
CA LYS E 25 -29.93 4.83 24.96
C LYS E 25 -30.66 3.59 24.46
N LEU E 26 -30.10 2.92 23.45
CA LEU E 26 -30.72 1.70 22.95
C LEU E 26 -30.63 0.57 23.96
N ALA E 27 -29.50 0.47 24.67
CA ALA E 27 -29.38 -0.52 25.73
C ALA E 27 -30.41 -0.27 26.83
N HIS E 28 -30.63 1.00 27.17
CA HIS E 28 -31.66 1.32 28.17
C HIS E 28 -33.05 0.97 27.65
N GLN E 29 -33.33 1.27 26.39
CA GLN E 29 -34.62 0.93 25.81
C GLN E 29 -34.85 -0.58 25.80
N ILE E 30 -33.81 -1.36 25.55
CA ILE E 30 -33.94 -2.82 25.58
C ILE E 30 -34.14 -3.31 27.01
N TYR E 31 -33.41 -2.73 27.96
CA TYR E 31 -33.59 -3.11 29.36
C TYR E 31 -35.00 -2.77 29.86
N GLN E 32 -35.63 -1.76 29.26
CA GLN E 32 -36.94 -1.32 29.71
C GLN E 32 -38.07 -2.08 29.01
N PHE E 33 -37.98 -2.24 27.69
CA PHE E 33 -39.10 -2.68 26.86
C PHE E 33 -38.94 -4.11 26.36
N THR E 34 -38.38 -5.00 27.18
CA THR E 34 -38.34 -6.43 26.85
C THR E 34 -38.88 -7.32 27.95
N ASP E 35 -39.11 -6.81 29.15
CA ASP E 35 -39.69 -7.61 30.22
C ASP E 35 -41.17 -7.83 29.93
N LYS E 36 -41.50 -9.01 29.40
CA LYS E 36 -42.88 -9.35 29.06
C LYS E 36 -43.55 -10.19 30.14
N ASP E 37 -42.87 -10.45 31.26
CA ASP E 37 -43.47 -11.19 32.36
C ASP E 37 -44.45 -10.34 33.16
N LYS E 38 -44.44 -9.02 32.97
CA LYS E 38 -45.38 -8.14 33.65
C LYS E 38 -46.67 -8.04 32.83
N ASP E 39 -47.54 -7.10 33.20
CA ASP E 39 -48.84 -7.00 32.53
C ASP E 39 -48.65 -6.39 31.15
N ASN E 40 -49.32 -6.99 30.16
CA ASN E 40 -49.19 -6.54 28.78
C ASN E 40 -49.83 -5.16 28.59
N VAL E 41 -51.12 -5.06 28.86
CA VAL E 41 -51.84 -3.80 28.77
C VAL E 41 -51.95 -3.22 30.18
N ALA E 42 -51.78 -1.90 30.28
CA ALA E 42 -51.86 -1.25 31.58
C ALA E 42 -53.24 -1.47 32.19
N PRO E 43 -53.32 -1.73 33.49
CA PRO E 43 -54.62 -1.87 34.15
C PRO E 43 -55.48 -0.63 33.94
N ARG E 44 -56.79 -0.87 33.90
CA ARG E 44 -57.74 0.14 33.49
C ARG E 44 -58.19 1.06 34.62
N SER E 45 -57.37 1.22 35.67
CA SER E 45 -57.66 2.22 36.67
C SER E 45 -57.23 3.61 36.20
N LYS E 46 -56.13 3.68 35.44
CA LYS E 46 -55.68 4.97 34.92
C LYS E 46 -56.68 5.55 33.93
N ILE E 47 -57.11 4.73 32.96
CA ILE E 47 -58.05 5.20 31.95
C ILE E 47 -59.42 5.47 32.55
N SER E 48 -59.66 5.01 33.78
CA SER E 48 -60.92 5.26 34.47
C SER E 48 -60.80 6.54 35.29
N PRO E 49 -61.57 7.58 34.97
CA PRO E 49 -61.53 8.80 35.80
C PRO E 49 -61.95 8.56 37.24
N GLN E 50 -62.76 7.53 37.50
CA GLN E 50 -63.17 7.18 38.86
C GLN E 50 -62.14 6.25 39.52
N GLY E 51 -60.88 6.67 39.49
CA GLY E 51 -59.79 5.86 40.03
C GLY E 51 -58.68 6.72 40.55
N TYR E 52 -57.44 6.35 40.24
CA TYR E 52 -56.27 7.07 40.73
C TYR E 52 -56.17 8.45 40.08
N GLY F 45 -48.57 -12.25 40.69
CA GLY F 45 -48.02 -11.25 39.80
C GLY F 45 -46.87 -10.47 40.41
N VAL F 46 -45.82 -10.28 39.62
CA VAL F 46 -44.66 -9.53 40.09
C VAL F 46 -44.87 -8.02 39.98
N THR F 47 -45.68 -7.58 39.02
CA THR F 47 -45.99 -6.15 38.92
C THR F 47 -46.74 -5.66 40.16
N ARG F 48 -47.72 -6.44 40.63
CA ARG F 48 -48.42 -6.08 41.85
C ARG F 48 -47.50 -6.14 43.06
N ASN F 49 -46.52 -7.05 43.03
CA ASN F 49 -45.50 -7.07 44.08
C ASN F 49 -44.72 -5.77 44.09
N LYS F 50 -44.33 -5.28 42.91
CA LYS F 50 -43.64 -4.00 42.82
C LYS F 50 -44.52 -2.86 43.33
N ILE F 51 -45.82 -2.90 43.00
CA ILE F 51 -46.75 -1.86 43.45
C ILE F 51 -46.77 -1.79 44.98
N MET F 52 -47.11 -2.91 45.62
CA MET F 52 -47.17 -2.93 47.07
C MET F 52 -45.81 -2.71 47.72
N THR F 53 -44.70 -3.08 47.05
CA THR F 53 -43.39 -2.80 47.61
C THR F 53 -43.09 -1.30 47.59
N ALA F 54 -43.48 -0.61 46.52
CA ALA F 54 -43.33 0.84 46.48
C ALA F 54 -44.20 1.50 47.56
N GLN F 55 -45.43 1.02 47.71
CA GLN F 55 -46.29 1.54 48.78
C GLN F 55 -45.65 1.33 50.15
N TYR F 56 -45.11 0.13 50.38
CA TYR F 56 -44.42 -0.19 51.62
C TYR F 56 -43.27 0.78 51.88
N GLU F 57 -42.37 0.92 50.91
CA GLU F 57 -41.21 1.79 51.09
C GLU F 57 -41.64 3.23 51.36
N CYS F 58 -42.56 3.75 50.56
CA CYS F 58 -42.96 5.15 50.69
C CYS F 58 -43.64 5.41 52.03
N TYR F 59 -44.58 4.55 52.42
CA TYR F 59 -45.31 4.82 53.65
C TYR F 59 -44.55 4.36 54.89
N GLN F 60 -43.39 3.72 54.71
CA GLN F 60 -42.45 3.67 55.83
C GLN F 60 -41.62 4.94 55.91
N LYS F 61 -41.15 5.46 54.77
CA LYS F 61 -40.32 6.65 54.80
C LYS F 61 -41.13 7.92 55.06
N ILE F 62 -42.46 7.80 55.23
CA ILE F 62 -43.25 8.95 55.66
C ILE F 62 -42.72 9.50 56.98
N MET F 63 -42.76 8.70 58.04
CA MET F 63 -42.30 9.17 59.34
C MET F 63 -40.77 9.27 59.40
N GLN F 64 -40.08 8.59 58.51
CA GLN F 64 -38.62 8.66 58.46
C GLN F 64 -38.17 9.93 57.74
N TYR F 74 -51.80 23.85 50.99
CA TYR F 74 -50.95 22.80 50.44
C TYR F 74 -51.65 21.44 50.50
N CYS F 75 -51.58 20.71 49.40
CA CYS F 75 -52.19 19.38 49.32
C CYS F 75 -51.41 18.43 50.24
N ASN F 76 -52.12 17.84 51.20
CA ASN F 76 -51.49 17.05 52.25
C ASN F 76 -50.83 15.79 51.70
N ARG F 77 -49.98 15.18 52.52
CA ARG F 77 -49.29 13.95 52.14
C ARG F 77 -50.32 12.88 51.78
N THR F 78 -50.05 12.16 50.70
CA THR F 78 -50.99 11.16 50.21
C THR F 78 -50.23 10.10 49.42
N TRP F 79 -50.99 9.13 48.91
CA TRP F 79 -50.47 8.03 48.10
C TRP F 79 -51.48 7.73 47.01
N ASP F 80 -51.10 7.92 45.74
CA ASP F 80 -52.04 7.72 44.64
C ASP F 80 -52.34 6.24 44.43
N GLY F 81 -51.32 5.39 44.58
CA GLY F 81 -51.48 3.98 44.28
C GLY F 81 -50.26 3.41 43.57
N TRP F 82 -49.49 4.29 42.93
CA TRP F 82 -48.33 3.86 42.15
C TRP F 82 -47.07 4.61 42.57
N LEU F 83 -47.22 5.85 43.02
CA LEU F 83 -46.07 6.70 43.31
C LEU F 83 -46.28 7.44 44.62
N CYS F 84 -45.17 7.75 45.28
CA CYS F 84 -45.18 8.55 46.51
C CYS F 84 -45.28 10.02 46.12
N TRP F 85 -46.30 10.70 46.65
CA TRP F 85 -46.50 12.12 46.41
C TRP F 85 -46.10 12.88 47.67
N ASN F 86 -44.94 13.54 47.62
CA ASN F 86 -44.46 14.30 48.76
C ASN F 86 -45.18 15.64 48.87
N ASP F 87 -45.41 16.06 50.10
CA ASP F 87 -46.15 17.30 50.34
C ASP F 87 -45.30 18.50 49.95
N VAL F 88 -45.88 19.40 49.16
CA VAL F 88 -45.25 20.64 48.76
C VAL F 88 -46.22 21.78 49.03
N ALA F 89 -45.71 23.01 48.93
CA ALA F 89 -46.54 24.19 49.16
C ALA F 89 -47.61 24.32 48.08
N ALA F 90 -48.71 24.97 48.45
CA ALA F 90 -49.82 25.16 47.52
C ALA F 90 -49.41 26.11 46.39
N GLY F 91 -50.08 25.97 45.26
CA GLY F 91 -49.80 26.79 44.10
C GLY F 91 -48.70 26.28 43.20
N THR F 92 -48.33 25.00 43.32
CA THR F 92 -47.30 24.40 42.50
C THR F 92 -47.72 22.99 42.12
N GLU F 93 -47.17 22.51 41.01
CA GLU F 93 -47.48 21.18 40.48
C GLU F 93 -46.21 20.34 40.45
N SER F 94 -46.22 19.23 41.17
CA SER F 94 -45.09 18.31 41.21
C SER F 94 -45.30 17.22 40.16
N MET F 95 -44.38 17.12 39.21
CA MET F 95 -44.47 16.16 38.12
C MET F 95 -43.42 15.08 38.32
N GLN F 96 -43.87 13.84 38.46
CA GLN F 96 -42.99 12.69 38.66
C GLN F 96 -42.93 11.85 37.39
N LEU F 97 -41.89 11.02 37.30
CA LEU F 97 -41.69 10.18 36.13
C LEU F 97 -42.56 8.93 36.22
N CYS F 98 -43.04 8.48 35.06
CA CYS F 98 -43.89 7.31 35.01
C CYS F 98 -43.12 6.09 35.52
N PRO F 99 -43.75 5.22 36.30
CA PRO F 99 -43.02 4.07 36.88
C PRO F 99 -42.75 2.96 35.88
N ASP F 100 -42.21 1.85 36.37
CA ASP F 100 -41.81 0.70 35.56
C ASP F 100 -42.65 -0.52 35.88
N TYR F 101 -43.97 -0.32 36.01
CA TYR F 101 -44.85 -1.41 36.43
C TYR F 101 -45.32 -2.25 35.26
N PHE F 102 -45.69 -1.62 34.14
CA PHE F 102 -46.46 -2.26 33.09
C PHE F 102 -45.74 -2.09 31.75
N GLN F 103 -46.15 -2.92 30.78
CA GLN F 103 -45.56 -2.85 29.44
C GLN F 103 -45.93 -1.55 28.74
N ASP F 104 -47.16 -1.07 28.91
CA ASP F 104 -47.62 0.12 28.21
C ASP F 104 -47.11 1.42 28.84
N PHE F 105 -46.35 1.33 29.93
CA PHE F 105 -45.80 2.50 30.60
C PHE F 105 -44.33 2.63 30.25
N ASP F 106 -43.96 3.79 29.69
CA ASP F 106 -42.56 4.03 29.34
C ASP F 106 -41.87 4.78 30.47
N PRO F 107 -40.69 4.35 30.89
CA PRO F 107 -39.97 5.09 31.95
C PRO F 107 -39.30 6.34 31.42
N SER F 108 -39.61 6.73 30.17
CA SER F 108 -39.05 7.94 29.59
C SER F 108 -39.93 9.16 29.88
N GLU F 109 -41.24 9.00 29.67
CA GLU F 109 -42.17 10.11 29.86
C GLU F 109 -42.40 10.38 31.36
N LYS F 110 -42.69 11.63 31.68
CA LYS F 110 -42.91 12.07 33.05
C LYS F 110 -44.37 12.46 33.25
N VAL F 111 -45.02 11.85 34.24
CA VAL F 111 -46.42 12.12 34.55
C VAL F 111 -46.52 13.44 35.29
N THR F 112 -47.75 13.94 35.44
CA THR F 112 -47.99 15.22 36.08
C THR F 112 -48.90 15.04 37.28
N LYS F 113 -48.84 16.00 38.20
CA LYS F 113 -49.70 16.02 39.38
C LYS F 113 -49.76 17.46 39.89
N ILE F 114 -50.98 17.93 40.15
CA ILE F 114 -51.25 19.35 40.38
C ILE F 114 -51.84 19.54 41.78
N CYS F 115 -51.45 20.64 42.43
CA CYS F 115 -52.00 21.02 43.71
C CYS F 115 -52.13 22.54 43.78
N ASP F 116 -53.34 23.00 44.06
CA ASP F 116 -53.62 24.41 44.34
C ASP F 116 -54.32 24.53 45.69
N ASN F 120 -55.57 19.85 49.56
CA ASN F 120 -56.35 20.28 48.40
C ASN F 120 -55.74 19.75 47.10
N TRP F 121 -56.12 18.54 46.72
CA TRP F 121 -55.62 17.93 45.51
C TRP F 121 -56.38 18.44 44.29
N PHE F 122 -56.14 17.79 43.15
CA PHE F 122 -56.83 18.15 41.91
C PHE F 122 -58.30 17.74 41.98
N ARG F 123 -59.16 18.51 41.33
CA ARG F 123 -60.59 18.25 41.27
C ARG F 123 -60.93 17.77 39.86
N HIS F 124 -60.99 16.45 39.70
CA HIS F 124 -61.38 15.88 38.41
C HIS F 124 -62.88 16.10 38.18
N PRO F 125 -63.26 16.68 37.04
CA PRO F 125 -64.69 16.80 36.75
C PRO F 125 -65.35 15.43 36.63
N ALA F 126 -66.62 15.38 37.06
CA ALA F 126 -67.44 14.18 37.13
C ALA F 126 -66.86 13.13 38.09
N SER F 127 -65.83 13.48 38.86
CA SER F 127 -65.27 12.57 39.84
C SER F 127 -65.25 13.22 41.22
N ASN F 128 -64.93 14.51 41.26
CA ASN F 128 -64.86 15.27 42.51
C ASN F 128 -63.95 14.60 43.53
N ARG F 129 -62.78 14.14 43.07
CA ARG F 129 -61.83 13.47 43.94
C ARG F 129 -60.42 13.76 43.45
N THR F 130 -59.45 13.26 44.19
CA THR F 130 -58.05 13.42 43.82
C THR F 130 -57.73 12.58 42.60
N TRP F 131 -57.08 13.19 41.62
CA TRP F 131 -56.77 12.49 40.37
C TRP F 131 -55.54 13.12 39.73
N THR F 132 -54.83 12.31 38.95
CA THR F 132 -53.64 12.75 38.24
C THR F 132 -53.54 12.00 36.92
N ASN F 133 -53.06 12.71 35.89
CA ASN F 133 -53.05 12.19 34.54
C ASN F 133 -51.75 11.45 34.25
N TYR F 134 -51.86 10.21 33.79
CA TYR F 134 -50.72 9.42 33.33
C TYR F 134 -50.79 9.16 31.83
N THR F 135 -51.27 10.14 31.06
CA THR F 135 -51.53 9.92 29.65
C THR F 135 -50.25 9.92 28.81
N GLN F 136 -49.26 10.73 29.17
CA GLN F 136 -48.07 10.85 28.33
C GLN F 136 -47.24 9.57 28.30
N CYS F 137 -47.36 8.71 29.31
CA CYS F 137 -46.56 7.49 29.37
C CYS F 137 -47.35 6.24 29.06
N ASN F 138 -48.68 6.32 28.99
CA ASN F 138 -49.50 5.17 28.60
C ASN F 138 -49.62 5.05 27.09
N VAL F 139 -49.66 6.16 26.39
CA VAL F 139 -49.66 6.16 24.94
C VAL F 139 -48.27 6.52 24.44
N ASN F 140 -48.06 6.37 23.13
CA ASN F 140 -46.74 6.47 22.51
C ASN F 140 -45.74 5.49 23.12
N THR F 141 -46.11 4.22 23.21
CA THR F 141 -45.19 3.18 23.68
C THR F 141 -45.11 1.97 22.77
N HIS F 142 -46.23 1.56 22.17
CA HIS F 142 -46.28 0.28 21.48
C HIS F 142 -45.53 0.29 20.15
N GLU F 143 -45.30 1.46 19.54
CA GLU F 143 -44.40 1.52 18.40
C GLU F 143 -43.00 2.01 18.75
N LYS F 144 -42.81 2.64 19.91
CA LYS F 144 -41.44 2.87 20.36
C LYS F 144 -40.77 1.55 20.74
N VAL F 145 -41.54 0.60 21.28
CA VAL F 145 -41.02 -0.75 21.45
C VAL F 145 -40.67 -1.36 20.10
N LYS F 146 -41.52 -1.12 19.10
CA LYS F 146 -41.25 -1.62 17.75
C LYS F 146 -39.92 -1.10 17.22
N THR F 147 -39.74 0.22 17.25
CA THR F 147 -38.50 0.79 16.71
C THR F 147 -37.30 0.44 17.59
N ALA F 148 -37.51 0.21 18.88
CA ALA F 148 -36.42 -0.27 19.72
C ALA F 148 -35.94 -1.65 19.28
N LEU F 149 -36.88 -2.57 19.06
CA LEU F 149 -36.52 -3.89 18.56
C LEU F 149 -35.85 -3.79 17.19
N ASN F 150 -36.40 -2.95 16.30
CA ASN F 150 -35.83 -2.81 14.97
C ASN F 150 -34.41 -2.26 15.02
N LEU F 151 -34.17 -1.25 15.88
CA LEU F 151 -32.83 -0.69 16.00
C LEU F 151 -31.88 -1.69 16.63
N PHE F 152 -32.36 -2.49 17.58
CA PHE F 152 -31.52 -3.54 18.14
C PHE F 152 -31.08 -4.54 17.09
N TYR F 153 -32.04 -5.03 16.29
CA TYR F 153 -31.69 -5.99 15.25
C TYR F 153 -30.77 -5.38 14.20
N LEU F 154 -31.04 -4.12 13.81
CA LEU F 154 -30.17 -3.44 12.87
C LEU F 154 -28.76 -3.30 13.42
N THR F 155 -28.64 -2.94 14.70
CA THR F 155 -27.33 -2.81 15.32
C THR F 155 -26.59 -4.13 15.31
N ILE F 156 -27.27 -5.22 15.69
CA ILE F 156 -26.57 -6.49 15.80
C ILE F 156 -26.16 -7.00 14.41
N ILE F 157 -27.01 -6.83 13.40
CA ILE F 157 -26.65 -7.32 12.07
C ILE F 157 -25.54 -6.48 11.46
N GLY F 158 -25.60 -5.15 11.66
CA GLY F 158 -24.53 -4.29 11.16
C GLY F 158 -23.21 -4.58 11.84
N HIS F 159 -23.22 -4.78 13.16
CA HIS F 159 -22.00 -5.07 13.87
C HIS F 159 -21.44 -6.44 13.47
N GLY F 160 -22.32 -7.42 13.23
CA GLY F 160 -21.83 -8.72 12.77
C GLY F 160 -21.20 -8.66 11.40
N LEU F 161 -21.86 -7.98 10.46
CA LEU F 161 -21.28 -7.84 9.12
C LEU F 161 -19.98 -7.05 9.16
N SER F 162 -19.92 -6.02 10.01
CA SER F 162 -18.69 -5.25 10.16
C SER F 162 -17.58 -6.11 10.74
N ILE F 163 -17.90 -6.93 11.74
CA ILE F 163 -16.91 -7.84 12.32
C ILE F 163 -16.35 -8.77 11.25
N ALA F 164 -17.24 -9.35 10.44
CA ALA F 164 -16.80 -10.26 9.40
C ALA F 164 -15.88 -9.54 8.40
N SER F 165 -16.31 -8.37 7.92
CA SER F 165 -15.53 -7.65 6.92
C SER F 165 -14.19 -7.21 7.48
N LEU F 166 -14.18 -6.74 8.73
CA LEU F 166 -12.93 -6.27 9.33
C LEU F 166 -11.97 -7.42 9.60
N LEU F 167 -12.48 -8.59 9.99
CA LEU F 167 -11.61 -9.73 10.18
C LEU F 167 -11.04 -10.22 8.84
N ILE F 168 -11.85 -10.18 7.77
CA ILE F 168 -11.34 -10.54 6.46
C ILE F 168 -10.25 -9.56 6.02
N SER F 169 -10.47 -8.26 6.25
CA SER F 169 -9.47 -7.27 5.87
C SER F 169 -8.20 -7.42 6.70
N LEU F 170 -8.34 -7.74 7.99
CA LEU F 170 -7.16 -7.99 8.82
C LEU F 170 -6.40 -9.21 8.34
N GLY F 171 -7.11 -10.27 7.97
CA GLY F 171 -6.45 -11.44 7.43
C GLY F 171 -5.69 -11.13 6.14
N ILE F 172 -6.30 -10.34 5.25
CA ILE F 172 -5.63 -9.93 4.02
C ILE F 172 -4.38 -9.12 4.33
N PHE F 173 -4.50 -8.15 5.24
CA PHE F 173 -3.38 -7.28 5.57
C PHE F 173 -2.24 -8.06 6.23
N PHE F 174 -2.57 -9.04 7.06
CA PHE F 174 -1.54 -9.82 7.73
C PHE F 174 -0.96 -10.93 6.86
N TYR F 175 -1.69 -11.36 5.83
CA TYR F 175 -1.15 -12.37 4.91
C TYR F 175 -0.27 -11.73 3.85
N PHE F 176 -0.65 -10.55 3.35
CA PHE F 176 0.16 -9.85 2.35
C PHE F 176 1.13 -8.94 3.10
N LYS F 177 2.34 -9.45 3.32
CA LYS F 177 3.36 -8.69 4.03
C LYS F 177 3.97 -7.58 3.21
N SER F 178 3.67 -7.51 1.90
CA SER F 178 4.16 -6.41 1.09
C SER F 178 3.62 -5.07 1.55
N LEU F 179 2.41 -5.06 2.11
CA LEU F 179 1.81 -3.85 2.68
C LEU F 179 2.10 -3.88 4.18
N SER F 180 3.23 -3.29 4.57
CA SER F 180 3.64 -3.28 5.97
C SER F 180 4.11 -1.90 6.43
N CYS F 181 3.67 -0.84 5.76
CA CYS F 181 4.04 0.51 6.15
C CYS F 181 3.27 0.94 7.40
N GLN F 182 3.59 2.13 7.91
CA GLN F 182 2.92 2.63 9.10
C GLN F 182 1.45 2.90 8.85
N ARG F 183 1.10 3.30 7.63
CA ARG F 183 -0.31 3.44 7.27
C ARG F 183 -1.05 2.13 7.44
N ILE F 184 -0.47 1.04 6.93
CA ILE F 184 -1.09 -0.27 7.06
C ILE F 184 -1.14 -0.69 8.53
N THR F 185 -0.12 -0.34 9.31
CA THR F 185 -0.12 -0.71 10.73
C THR F 185 -1.24 -0.01 11.47
N LEU F 186 -1.42 1.30 11.23
CA LEU F 186 -2.53 2.02 11.84
C LEU F 186 -3.88 1.49 11.35
N HIS F 187 -3.94 1.03 10.09
CA HIS F 187 -5.16 0.42 9.59
C HIS F 187 -5.48 -0.87 10.34
N LYS F 188 -4.46 -1.71 10.55
CA LYS F 188 -4.66 -2.92 11.36
C LYS F 188 -5.13 -2.57 12.76
N ASN F 189 -4.55 -1.55 13.38
CA ASN F 189 -4.94 -1.18 14.74
C ASN F 189 -6.39 -0.70 14.77
N LEU F 190 -6.77 0.15 13.81
CA LEU F 190 -8.15 0.64 13.76
C LEU F 190 -9.13 -0.50 13.52
N PHE F 191 -8.78 -1.43 12.63
CA PHE F 191 -9.67 -2.55 12.35
C PHE F 191 -9.81 -3.46 13.57
N PHE F 192 -8.72 -3.70 14.29
CA PHE F 192 -8.80 -4.53 15.49
C PHE F 192 -9.63 -3.84 16.57
N SER F 193 -9.46 -2.52 16.74
CA SER F 193 -10.27 -1.80 17.71
C SER F 193 -11.75 -1.85 17.33
N PHE F 194 -12.06 -1.70 16.03
CA PHE F 194 -13.43 -1.86 15.56
C PHE F 194 -13.97 -3.24 15.89
N VAL F 195 -13.19 -4.28 15.63
CA VAL F 195 -13.64 -5.65 15.88
C VAL F 195 -13.95 -5.84 17.37
N CYS F 196 -13.02 -5.43 18.23
CA CYS F 196 -13.26 -5.60 19.67
C CYS F 196 -14.45 -4.79 20.14
N ASN F 197 -14.59 -3.55 19.67
CA ASN F 197 -15.72 -2.72 20.07
C ASN F 197 -17.04 -3.35 19.66
N SER F 198 -17.13 -3.81 18.41
CA SER F 198 -18.38 -4.42 17.95
C SER F 198 -18.67 -5.72 18.69
N VAL F 199 -17.65 -6.54 18.94
CA VAL F 199 -17.85 -7.79 19.66
C VAL F 199 -18.40 -7.51 21.06
N VAL F 200 -17.76 -6.60 21.79
CA VAL F 200 -18.20 -6.34 23.16
C VAL F 200 -19.56 -5.64 23.17
N THR F 201 -19.87 -4.86 22.13
CA THR F 201 -21.18 -4.25 22.05
C THR F 201 -22.27 -5.30 21.85
N ILE F 202 -22.05 -6.26 20.94
CA ILE F 202 -23.01 -7.34 20.77
C ILE F 202 -23.15 -8.14 22.05
N ILE F 203 -22.05 -8.39 22.75
CA ILE F 203 -22.11 -9.17 23.98
C ILE F 203 -22.90 -8.43 25.06
N HIS F 204 -22.67 -7.12 25.19
CA HIS F 204 -23.36 -6.34 26.21
C HIS F 204 -24.82 -6.11 25.85
N LEU F 205 -25.17 -6.14 24.56
CA LEU F 205 -26.55 -5.92 24.15
C LEU F 205 -27.39 -7.19 24.15
N THR F 206 -26.77 -8.35 23.93
CA THR F 206 -27.50 -9.60 23.82
C THR F 206 -27.47 -10.42 25.10
N ALA F 207 -26.69 -10.02 26.10
CA ALA F 207 -26.56 -10.78 27.33
C ALA F 207 -26.77 -9.96 28.60
N VAL F 208 -26.86 -8.63 28.50
CA VAL F 208 -27.04 -7.77 29.67
C VAL F 208 -28.31 -6.95 29.55
N ALA F 209 -28.55 -6.34 28.39
CA ALA F 209 -29.71 -5.46 28.24
C ALA F 209 -30.99 -6.23 27.95
N ASN F 210 -30.90 -7.30 27.15
CA ASN F 210 -32.08 -8.06 26.76
C ASN F 210 -32.56 -9.02 27.84
N ASN F 211 -31.76 -9.26 28.88
CA ASN F 211 -32.11 -10.19 29.94
C ASN F 211 -32.00 -9.46 31.28
N GLN F 212 -33.14 -9.11 31.87
CA GLN F 212 -33.18 -8.40 33.14
C GLN F 212 -33.00 -9.32 34.34
N ALA F 213 -33.02 -10.64 34.14
CA ALA F 213 -32.85 -11.57 35.26
C ALA F 213 -31.46 -11.44 35.86
N LEU F 214 -30.45 -11.18 35.04
CA LEU F 214 -29.10 -10.98 35.56
C LEU F 214 -28.91 -9.59 36.13
N VAL F 215 -29.59 -8.59 35.55
CA VAL F 215 -29.49 -7.22 36.06
C VAL F 215 -30.14 -7.12 37.44
N ALA F 216 -31.20 -7.89 37.69
CA ALA F 216 -31.82 -7.89 39.01
C ALA F 216 -30.87 -8.40 40.08
N THR F 217 -29.97 -9.32 39.73
CA THR F 217 -28.99 -9.81 40.69
C THR F 217 -27.99 -8.73 41.07
N ASN F 218 -27.69 -7.82 40.13
CA ASN F 218 -26.73 -6.74 40.31
C ASN F 218 -25.34 -7.30 40.65
N PRO F 219 -24.71 -8.06 39.76
CA PRO F 219 -23.37 -8.58 40.05
C PRO F 219 -22.27 -7.63 39.62
N VAL F 220 -21.01 -8.06 39.80
CA VAL F 220 -19.88 -7.26 39.33
C VAL F 220 -19.47 -7.59 37.90
N SER F 221 -20.03 -8.66 37.31
CA SER F 221 -19.63 -9.05 35.96
C SER F 221 -20.17 -8.08 34.92
N CYS F 222 -21.45 -7.69 35.06
CA CYS F 222 -22.04 -6.81 34.07
C CYS F 222 -21.45 -5.40 34.13
N LYS F 223 -21.09 -4.92 35.31
CA LYS F 223 -20.46 -3.62 35.40
C LYS F 223 -19.05 -3.64 34.81
N VAL F 224 -18.32 -4.73 35.02
CA VAL F 224 -17.02 -4.87 34.37
C VAL F 224 -17.18 -4.93 32.85
N SER F 225 -18.22 -5.62 32.37
CA SER F 225 -18.48 -5.67 30.94
C SER F 225 -18.80 -4.29 30.39
N GLN F 226 -19.58 -3.51 31.14
CA GLN F 226 -19.88 -2.13 30.75
C GLN F 226 -18.62 -1.28 30.72
N PHE F 227 -17.74 -1.44 31.71
CA PHE F 227 -16.47 -0.70 31.73
C PHE F 227 -15.63 -1.03 30.51
N ILE F 228 -15.50 -2.33 30.21
CA ILE F 228 -14.71 -2.75 29.05
C ILE F 228 -15.33 -2.25 27.75
N HIS F 229 -16.67 -2.25 27.69
CA HIS F 229 -17.37 -1.77 26.50
C HIS F 229 -17.12 -0.29 26.27
N LEU F 230 -17.22 0.51 27.33
CA LEU F 230 -16.96 1.94 27.20
C LEU F 230 -15.51 2.20 26.83
N TYR F 231 -14.58 1.44 27.42
CA TYR F 231 -13.17 1.62 27.10
C TYR F 231 -12.89 1.26 25.63
N LEU F 232 -13.51 0.20 25.14
CA LEU F 232 -13.27 -0.20 23.76
C LEU F 232 -13.98 0.72 22.77
N MET F 233 -15.11 1.31 23.16
CA MET F 233 -15.71 2.35 22.33
C MET F 233 -14.81 3.56 22.25
N GLY F 234 -14.20 3.94 23.38
CA GLY F 234 -13.22 5.01 23.36
C GLY F 234 -12.03 4.68 22.47
N CYS F 235 -11.56 3.44 22.51
CA CYS F 235 -10.47 3.03 21.65
C CYS F 235 -10.86 3.11 20.17
N ASN F 236 -12.07 2.65 19.85
CA ASN F 236 -12.55 2.68 18.48
C ASN F 236 -12.64 4.11 17.96
N TYR F 237 -13.13 5.02 18.79
CA TYR F 237 -13.26 6.41 18.35
C TYR F 237 -11.99 7.21 18.50
N PHE F 238 -10.97 6.69 19.19
CA PHE F 238 -9.68 7.36 19.29
C PHE F 238 -8.70 6.89 18.24
N TRP F 239 -8.83 5.67 17.73
CA TRP F 239 -8.00 5.26 16.62
C TRP F 239 -8.38 6.02 15.35
N MET F 240 -9.62 6.48 15.24
CA MET F 240 -9.99 7.41 14.18
C MET F 240 -9.19 8.69 14.30
N LEU F 241 -9.06 9.22 15.52
CA LEU F 241 -8.26 10.42 15.73
C LEU F 241 -6.78 10.15 15.43
N CYS F 242 -6.30 8.96 15.75
CA CYS F 242 -4.91 8.61 15.44
C CYS F 242 -4.69 8.58 13.93
N GLU F 243 -5.62 7.97 13.18
CA GLU F 243 -5.53 7.96 11.73
C GLU F 243 -5.58 9.38 11.16
N GLY F 244 -6.44 10.23 11.74
CA GLY F 244 -6.50 11.62 11.30
C GLY F 244 -5.21 12.36 11.56
N ILE F 245 -4.59 12.13 12.72
CA ILE F 245 -3.32 12.76 13.04
C ILE F 245 -2.23 12.31 12.07
N TYR F 246 -2.21 11.00 11.77
CA TYR F 246 -1.24 10.49 10.81
C TYR F 246 -1.43 11.10 9.43
N LEU F 247 -2.69 11.21 8.98
CA LEU F 247 -2.97 11.81 7.69
C LEU F 247 -2.57 13.28 7.65
N HIS F 248 -2.83 14.01 8.75
CA HIS F 248 -2.48 15.42 8.80
C HIS F 248 -0.96 15.61 8.81
N THR F 249 -0.23 14.70 9.46
CA THR F 249 1.22 14.80 9.48
C THR F 249 1.83 14.39 8.14
N LEU F 250 1.19 13.47 7.42
CA LEU F 250 1.74 13.03 6.15
C LEU F 250 1.44 14.02 5.03
N ILE F 251 0.20 14.49 4.94
CA ILE F 251 -0.23 15.34 3.83
C ILE F 251 0.09 16.80 4.11
N VAL F 252 -0.49 17.33 5.20
CA VAL F 252 -0.33 18.76 5.48
C VAL F 252 1.10 19.08 5.90
N VAL F 253 1.68 18.25 6.75
CA VAL F 253 3.03 18.48 7.27
C VAL F 253 4.03 17.74 6.39
N ALA F 254 5.26 18.25 6.33
CA ALA F 254 6.33 17.63 5.55
C ALA F 254 7.04 16.56 6.37
N VAL F 255 6.29 15.51 6.71
CA VAL F 255 6.82 14.38 7.46
C VAL F 255 7.08 13.22 6.50
N PHE F 256 8.28 12.67 6.56
CA PHE F 256 8.64 11.55 5.71
C PHE F 256 7.87 10.29 6.10
N ALA F 257 7.76 9.36 5.16
CA ALA F 257 7.15 8.08 5.44
C ALA F 257 8.15 7.14 6.11
N GLU F 258 7.62 6.25 6.94
CA GLU F 258 8.44 5.29 7.70
C GLU F 258 9.46 6.01 8.56
N LYS F 259 9.04 7.09 9.22
CA LYS F 259 9.93 7.94 9.98
C LYS F 259 9.65 7.94 11.47
N GLN F 260 8.42 8.23 11.88
CA GLN F 260 8.15 8.51 13.28
C GLN F 260 8.13 7.24 14.12
N HIS F 261 8.13 7.43 15.44
CA HIS F 261 8.31 6.31 16.37
C HIS F 261 7.07 5.43 16.44
N LEU F 262 5.89 5.99 16.18
CA LEU F 262 4.60 5.30 16.15
C LEU F 262 4.13 4.83 17.52
N MET F 263 4.89 5.10 18.59
CA MET F 263 4.49 4.64 19.92
C MET F 263 3.39 5.51 20.52
N TRP F 264 3.46 6.83 20.28
CA TRP F 264 2.44 7.72 20.80
C TRP F 264 1.07 7.42 20.21
N TYR F 265 1.02 6.97 18.95
CA TYR F 265 -0.24 6.54 18.37
C TYR F 265 -0.82 5.34 19.13
N TYR F 266 0.03 4.36 19.44
CA TYR F 266 -0.43 3.22 20.23
C TYR F 266 -0.93 3.65 21.60
N PHE F 267 -0.21 4.56 22.25
CA PHE F 267 -0.60 5.00 23.59
C PHE F 267 -1.91 5.79 23.56
N LEU F 268 -2.13 6.57 22.49
CA LEU F 268 -3.37 7.34 22.41
C LEU F 268 -4.54 6.48 22.00
N GLY F 269 -4.30 5.42 21.22
CA GLY F 269 -5.37 4.55 20.78
C GLY F 269 -5.80 3.53 21.81
N TRP F 270 -4.84 2.97 22.54
CA TRP F 270 -5.13 1.90 23.49
C TRP F 270 -4.99 2.31 24.95
N GLY F 271 -4.09 3.23 25.27
CA GLY F 271 -3.82 3.58 26.65
C GLY F 271 -4.68 4.72 27.19
N PHE F 272 -4.88 5.74 26.37
CA PHE F 272 -5.64 6.90 26.82
C PHE F 272 -7.11 6.60 27.12
N PRO F 273 -7.84 5.81 26.33
CA PRO F 273 -9.26 5.56 26.67
C PRO F 273 -9.49 4.92 28.03
N LEU F 274 -8.44 4.46 28.72
CA LEU F 274 -8.62 3.95 30.08
C LEU F 274 -8.98 5.06 31.05
N ILE F 275 -8.47 6.27 30.82
CA ILE F 275 -8.66 7.39 31.74
C ILE F 275 -10.14 7.74 31.85
N PRO F 276 -10.86 8.08 30.76
CA PRO F 276 -12.29 8.40 30.94
C PRO F 276 -13.10 7.21 31.40
N ALA F 277 -12.73 6.00 30.99
CA ALA F 277 -13.45 4.81 31.43
C ALA F 277 -13.37 4.63 32.94
N CYS F 278 -12.15 4.72 33.50
CA CYS F 278 -12.00 4.58 34.95
C CYS F 278 -12.65 5.75 35.68
N ILE F 279 -12.53 6.96 35.14
CA ILE F 279 -13.19 8.11 35.76
C ILE F 279 -14.69 7.89 35.85
N HIS F 280 -15.31 7.48 34.75
CA HIS F 280 -16.75 7.23 34.76
C HIS F 280 -17.10 6.07 35.67
N ALA F 281 -16.25 5.05 35.74
CA ALA F 281 -16.51 3.91 36.61
C ALA F 281 -16.57 4.33 38.07
N ILE F 282 -15.55 5.09 38.53
CA ILE F 282 -15.54 5.54 39.92
C ILE F 282 -16.66 6.54 40.16
N ALA F 283 -16.96 7.40 39.18
CA ALA F 283 -18.02 8.38 39.34
C ALA F 283 -19.38 7.71 39.52
N ARG F 284 -19.64 6.64 38.77
CA ARG F 284 -20.90 5.93 38.95
C ARG F 284 -20.89 5.09 40.20
N SER F 285 -19.74 4.52 40.58
CA SER F 285 -19.65 3.76 41.81
C SER F 285 -19.84 4.63 43.05
N LEU F 286 -19.58 5.93 42.96
CA LEU F 286 -19.79 6.82 44.09
C LEU F 286 -21.03 7.69 44.01
N TYR F 287 -21.64 7.84 42.84
CA TYR F 287 -22.78 8.75 42.74
C TYR F 287 -24.03 8.11 42.13
N TYR F 288 -23.87 7.25 41.12
CA TYR F 288 -25.00 6.71 40.36
C TYR F 288 -24.89 5.20 40.24
N ASN F 289 -24.62 4.53 41.37
CA ASN F 289 -24.43 3.08 41.38
C ASN F 289 -25.79 2.39 41.28
N ASP F 290 -26.25 2.24 40.04
CA ASP F 290 -27.47 1.50 39.75
C ASP F 290 -27.12 0.07 39.37
N ASN F 291 -28.11 -0.68 38.87
CA ASN F 291 -27.90 -2.08 38.53
C ASN F 291 -27.27 -2.20 37.15
N CYS F 292 -26.08 -2.81 37.10
CA CYS F 292 -25.36 -3.15 35.87
C CYS F 292 -24.99 -1.94 35.03
N TRP F 293 -25.15 -0.72 35.57
CA TRP F 293 -24.79 0.51 34.86
C TRP F 293 -25.44 0.59 33.48
N ILE F 294 -26.76 0.34 33.46
CA ILE F 294 -27.52 0.37 32.23
C ILE F 294 -28.33 1.65 32.07
N SER F 295 -28.49 2.44 33.14
CA SER F 295 -29.27 3.66 33.07
C SER F 295 -28.56 4.69 32.18
N SER F 296 -29.29 5.24 31.22
CA SER F 296 -28.77 6.23 30.29
C SER F 296 -29.33 7.62 30.55
N ASP F 297 -30.02 7.83 31.67
CA ASP F 297 -30.60 9.13 32.01
C ASP F 297 -29.69 9.96 32.90
N THR F 298 -28.42 9.59 33.01
CA THR F 298 -27.46 10.31 33.83
C THR F 298 -26.47 11.07 32.95
N HIS F 299 -25.90 12.14 33.50
CA HIS F 299 -24.93 12.96 32.79
C HIS F 299 -23.51 12.45 32.93
N LEU F 300 -23.30 11.33 33.63
CA LEU F 300 -21.97 10.77 33.78
C LEU F 300 -21.47 10.08 32.52
N LEU F 301 -22.38 9.76 31.59
CA LEU F 301 -21.95 9.21 30.30
C LEU F 301 -21.21 10.25 29.45
N TYR F 302 -21.40 11.53 29.76
CA TYR F 302 -20.63 12.57 29.06
C TYR F 302 -19.14 12.43 29.32
N ILE F 303 -18.75 11.86 30.47
CA ILE F 303 -17.34 11.59 30.72
C ILE F 303 -16.75 10.72 29.63
N ILE F 304 -17.55 9.84 29.04
CA ILE F 304 -17.10 8.99 27.95
C ILE F 304 -17.35 9.66 26.60
N HIS F 305 -18.46 10.36 26.46
CA HIS F 305 -18.88 10.92 25.17
C HIS F 305 -18.30 12.29 24.87
N GLY F 306 -17.47 12.84 25.77
CA GLY F 306 -16.82 14.10 25.54
C GLY F 306 -15.53 13.98 24.75
N PRO F 307 -14.60 13.16 25.23
CA PRO F 307 -13.38 12.91 24.45
C PRO F 307 -13.66 12.39 23.06
N ILE F 308 -14.70 11.56 22.89
CA ILE F 308 -15.09 11.10 21.56
C ILE F 308 -15.46 12.27 20.67
N CYS F 309 -16.30 13.17 21.17
CA CYS F 309 -16.72 14.32 20.37
C CYS F 309 -15.54 15.24 20.06
N ALA F 310 -14.63 15.43 21.03
CA ALA F 310 -13.47 16.26 20.78
C ALA F 310 -12.56 15.64 19.71
N ALA F 311 -12.36 14.33 19.77
CA ALA F 311 -11.54 13.66 18.77
C ALA F 311 -12.20 13.75 17.39
N LEU F 312 -13.52 13.64 17.33
CA LEU F 312 -14.20 13.74 16.04
C LEU F 312 -14.15 15.16 15.50
N LEU F 313 -14.18 16.17 16.36
CA LEU F 313 -14.03 17.54 15.87
C LEU F 313 -12.62 17.80 15.38
N VAL F 314 -11.61 17.26 16.06
CA VAL F 314 -10.24 17.39 15.58
C VAL F 314 -10.08 16.64 14.25
N ASN F 315 -10.76 15.51 14.11
CA ASN F 315 -10.74 14.79 12.84
C ASN F 315 -11.42 15.58 11.73
N LEU F 316 -12.49 16.31 12.07
CA LEU F 316 -13.14 17.16 11.07
C LEU F 316 -12.22 18.30 10.64
N PHE F 317 -11.51 18.90 11.59
CA PHE F 317 -10.54 19.92 11.23
C PHE F 317 -9.44 19.35 10.34
N PHE F 318 -8.96 18.15 10.66
CA PHE F 318 -7.93 17.51 9.84
C PHE F 318 -8.47 17.19 8.45
N LEU F 319 -9.72 16.75 8.36
CA LEU F 319 -10.33 16.50 7.06
C LEU F 319 -10.45 17.77 6.24
N LEU F 320 -10.82 18.88 6.88
CA LEU F 320 -10.88 20.16 6.18
C LEU F 320 -9.51 20.54 5.65
N ASN F 321 -8.46 20.41 6.48
CA ASN F 321 -7.12 20.73 6.02
C ASN F 321 -6.68 19.80 4.88
N ILE F 322 -7.05 18.53 4.95
CA ILE F 322 -6.64 17.57 3.92
C ILE F 322 -7.32 17.89 2.60
N VAL F 323 -8.63 18.16 2.62
CA VAL F 323 -9.31 18.50 1.37
C VAL F 323 -8.83 19.85 0.86
N ARG F 324 -8.42 20.76 1.75
CA ARG F 324 -7.83 22.02 1.30
C ARG F 324 -6.52 21.78 0.55
N VAL F 325 -5.64 20.96 1.12
CA VAL F 325 -4.38 20.65 0.44
C VAL F 325 -4.65 19.94 -0.88
N LEU F 326 -5.67 19.07 -0.91
CA LEU F 326 -5.99 18.36 -2.14
C LEU F 326 -6.48 19.29 -3.23
N ILE F 327 -7.40 20.21 -2.90
CA ILE F 327 -7.91 21.13 -3.90
C ILE F 327 -6.81 22.09 -4.34
N THR F 328 -5.89 22.42 -3.43
CA THR F 328 -4.75 23.25 -3.81
C THR F 328 -3.85 22.51 -4.79
N LYS F 329 -3.63 21.21 -4.57
CA LYS F 329 -2.85 20.41 -5.50
C LYS F 329 -3.55 20.25 -6.84
N LEU F 330 -4.88 20.26 -6.83
CA LEU F 330 -5.67 20.15 -8.06
C LEU F 330 -5.74 21.45 -8.84
N LYS F 331 -5.19 22.54 -8.31
CA LYS F 331 -5.24 23.81 -9.02
C LYS F 331 -4.41 23.79 -10.29
N VAL F 332 -3.27 23.10 -10.26
CA VAL F 332 -2.40 23.07 -11.44
C VAL F 332 -2.96 22.15 -12.53
N THR F 333 -3.90 21.27 -12.19
CA THR F 333 -4.47 20.37 -13.17
C THR F 333 -5.95 20.66 -13.40
N ASN F 339 -13.92 17.09 -12.94
CA ASN F 339 -13.32 18.39 -12.68
C ASN F 339 -12.70 18.42 -11.28
N LEU F 340 -12.71 19.61 -10.67
CA LEU F 340 -12.15 19.76 -9.33
C LEU F 340 -13.15 19.30 -8.27
N TYR F 341 -14.43 19.70 -8.41
CA TYR F 341 -15.45 19.32 -7.44
C TYR F 341 -15.65 17.82 -7.37
N MET F 342 -15.51 17.12 -8.50
CA MET F 342 -15.70 15.67 -8.52
C MET F 342 -14.81 14.99 -7.50
N LYS F 343 -13.48 15.05 -7.70
CA LYS F 343 -12.58 14.41 -6.77
C LYS F 343 -12.56 15.12 -5.41
N ALA F 344 -12.87 16.41 -5.39
CA ALA F 344 -12.90 17.13 -4.12
C ALA F 344 -13.98 16.59 -3.19
N VAL F 345 -15.10 16.12 -3.73
CA VAL F 345 -16.13 15.54 -2.90
C VAL F 345 -15.91 14.03 -2.77
N ARG F 346 -15.26 13.43 -3.79
CA ARG F 346 -14.97 12.00 -3.73
C ARG F 346 -14.02 11.66 -2.58
N ALA F 347 -12.93 12.41 -2.46
CA ALA F 347 -11.98 12.19 -1.37
C ALA F 347 -12.64 12.43 -0.01
N THR F 348 -13.53 13.42 0.06
CA THR F 348 -14.23 13.70 1.32
C THR F 348 -15.13 12.53 1.70
N LEU F 349 -15.92 12.03 0.76
CA LEU F 349 -16.79 10.89 1.05
C LEU F 349 -15.98 9.63 1.34
N ILE F 350 -14.77 9.53 0.79
CA ILE F 350 -13.92 8.38 1.08
C ILE F 350 -13.36 8.47 2.50
N LEU F 351 -12.97 9.67 2.93
CA LEU F 351 -12.35 9.84 4.24
C LEU F 351 -13.36 10.01 5.36
N VAL F 352 -14.64 10.24 5.06
CA VAL F 352 -15.65 10.34 6.12
C VAL F 352 -15.72 9.09 6.99
N PRO F 353 -15.84 7.87 6.44
CA PRO F 353 -15.94 6.69 7.32
C PRO F 353 -14.67 6.40 8.09
N LEU F 354 -13.50 6.74 7.56
CA LEU F 354 -12.26 6.52 8.29
C LEU F 354 -12.14 7.47 9.47
N LEU F 355 -12.32 8.76 9.23
CA LEU F 355 -12.28 9.75 10.30
C LEU F 355 -13.54 9.76 11.15
N GLY F 356 -14.57 9.00 10.75
CA GLY F 356 -15.77 8.89 11.55
C GLY F 356 -16.59 10.16 11.65
N ILE F 357 -16.62 10.97 10.60
CA ILE F 357 -17.35 12.24 10.63
C ILE F 357 -18.77 11.94 10.17
N GLU F 358 -19.59 11.46 11.11
CA GLU F 358 -21.01 11.28 10.88
C GLU F 358 -21.84 11.52 12.13
N PHE F 359 -21.28 12.15 13.17
CA PHE F 359 -21.99 12.38 14.41
C PHE F 359 -22.14 13.87 14.75
N VAL F 360 -21.46 14.75 14.03
CA VAL F 360 -21.53 16.18 14.32
C VAL F 360 -22.76 16.86 13.75
N LEU F 361 -23.62 16.11 13.07
CA LEU F 361 -24.83 16.69 12.48
C LEU F 361 -25.84 17.06 13.56
N GLU F 372 -36.11 13.98 9.14
CA GLU F 372 -35.97 13.54 10.53
C GLU F 372 -36.61 12.16 10.70
N GLU F 373 -37.58 11.85 9.84
CA GLU F 373 -38.29 10.58 9.94
C GLU F 373 -37.36 9.40 9.65
N VAL F 374 -36.44 9.56 8.69
CA VAL F 374 -35.48 8.51 8.35
C VAL F 374 -34.04 8.93 8.57
N TYR F 375 -33.79 10.20 8.92
CA TYR F 375 -32.42 10.64 9.15
C TYR F 375 -31.79 9.92 10.34
N ASP F 376 -32.59 9.65 11.38
CA ASP F 376 -32.06 8.92 12.53
C ASP F 376 -31.68 7.50 12.15
N TYR F 377 -32.50 6.85 11.31
CA TYR F 377 -32.17 5.50 10.86
C TYR F 377 -30.94 5.50 9.97
N ILE F 378 -30.80 6.51 9.10
CA ILE F 378 -29.62 6.61 8.25
C ILE F 378 -28.37 6.82 9.10
N MET F 379 -28.48 7.64 10.14
CA MET F 379 -27.34 7.84 11.04
C MET F 379 -27.00 6.56 11.80
N HIS F 380 -28.02 5.83 12.26
CA HIS F 380 -27.77 4.57 12.93
C HIS F 380 -27.07 3.57 12.02
N ILE F 381 -27.48 3.54 10.74
CA ILE F 381 -26.80 2.69 9.76
C ILE F 381 -25.35 3.13 9.59
N LEU F 382 -25.14 4.44 9.43
CA LEU F 382 -23.79 4.96 9.24
C LEU F 382 -22.88 4.64 10.42
N MET F 383 -23.42 4.58 11.63
CA MET F 383 -22.60 4.26 12.79
C MET F 383 -22.35 2.76 12.90
N HIS F 384 -23.41 1.96 12.81
CA HIS F 384 -23.29 0.52 13.02
C HIS F 384 -22.82 -0.24 11.79
N PHE F 385 -22.66 0.42 10.65
CA PHE F 385 -22.08 -0.19 9.46
C PHE F 385 -20.77 0.49 9.06
N GLN F 386 -20.13 1.23 9.98
CA GLN F 386 -18.92 1.96 9.65
C GLN F 386 -17.74 1.01 9.40
N GLY F 387 -17.67 -0.08 10.16
CA GLY F 387 -16.60 -1.04 9.96
C GLY F 387 -16.66 -1.67 8.58
N LEU F 388 -17.85 -2.05 8.13
CA LEU F 388 -18.02 -2.57 6.78
C LEU F 388 -17.62 -1.54 5.75
N LEU F 389 -17.98 -0.28 5.96
CA LEU F 389 -17.64 0.78 5.01
C LEU F 389 -16.14 0.95 4.89
N VAL F 390 -15.44 1.02 6.03
CA VAL F 390 -14.00 1.20 6.00
C VAL F 390 -13.31 -0.02 5.40
N SER F 391 -13.79 -1.23 5.73
CA SER F 391 -13.17 -2.43 5.18
C SER F 391 -13.39 -2.53 3.68
N THR F 392 -14.53 -2.03 3.19
CA THR F 392 -14.79 -2.07 1.76
C THR F 392 -14.03 -0.98 1.00
N ILE F 393 -13.85 0.18 1.62
CA ILE F 393 -13.19 1.29 0.92
C ILE F 393 -11.67 1.11 0.94
N PHE F 394 -11.10 0.89 2.12
CA PHE F 394 -9.64 0.93 2.26
C PHE F 394 -8.98 -0.42 2.06
N CYS F 395 -9.74 -1.51 2.00
CA CYS F 395 -9.16 -2.83 1.78
C CYS F 395 -9.70 -3.50 0.53
N PHE F 396 -11.02 -3.52 0.34
CA PHE F 396 -11.62 -4.24 -0.77
C PHE F 396 -11.62 -3.45 -2.07
N PHE F 397 -11.62 -2.11 -2.01
CA PHE F 397 -11.52 -1.27 -3.19
C PHE F 397 -10.19 -0.56 -3.30
N ASN F 398 -9.24 -0.84 -2.40
CA ASN F 398 -7.92 -0.24 -2.47
C ASN F 398 -7.19 -0.75 -3.72
N GLY F 399 -6.52 0.17 -4.42
CA GLY F 399 -5.86 -0.20 -5.66
C GLY F 399 -4.78 -1.23 -5.47
N GLU F 400 -3.92 -1.04 -4.46
CA GLU F 400 -2.81 -1.94 -4.25
C GLU F 400 -3.29 -3.34 -3.87
N VAL F 401 -4.17 -3.43 -2.86
CA VAL F 401 -4.67 -4.72 -2.41
C VAL F 401 -5.44 -5.42 -3.52
N GLN F 402 -6.25 -4.67 -4.27
CA GLN F 402 -7.00 -5.25 -5.37
C GLN F 402 -6.08 -5.80 -6.45
N ALA F 403 -5.04 -5.04 -6.80
CA ALA F 403 -4.11 -5.50 -7.82
C ALA F 403 -3.37 -6.76 -7.38
N ILE F 404 -2.91 -6.78 -6.12
CA ILE F 404 -2.24 -7.97 -5.60
C ILE F 404 -3.20 -9.16 -5.62
N LEU F 405 -4.47 -8.94 -5.26
CA LEU F 405 -5.41 -10.05 -5.27
C LEU F 405 -5.67 -10.56 -6.68
N ARG F 406 -5.84 -9.66 -7.65
CA ARG F 406 -6.11 -10.10 -9.01
C ARG F 406 -4.92 -10.83 -9.63
N ARG F 407 -3.69 -10.38 -9.34
CA ARG F 407 -2.55 -11.05 -9.96
C ARG F 407 -2.04 -12.21 -9.11
N ASN F 408 -2.58 -12.40 -7.90
CA ASN F 408 -2.35 -13.60 -7.12
C ASN F 408 -3.43 -14.65 -7.35
N TRP F 409 -4.58 -14.26 -7.92
CA TRP F 409 -5.68 -15.16 -8.24
C TRP F 409 -5.27 -16.30 -9.17
N ASN F 410 -4.09 -16.23 -9.79
CA ASN F 410 -3.66 -17.26 -10.73
C ASN F 410 -3.16 -18.53 -10.06
N GLN F 411 -3.18 -18.60 -8.73
CA GLN F 411 -2.72 -19.78 -8.02
C GLN F 411 -3.85 -20.77 -7.73
N TYR F 412 -5.02 -20.28 -7.34
CA TYR F 412 -6.18 -21.13 -7.06
C TYR F 412 -7.47 -20.33 -7.15
N MET G 34 -67.81 2.68 57.04
CA MET G 34 -66.70 3.32 56.34
C MET G 34 -65.38 3.12 57.08
N LEU G 35 -65.06 4.05 57.98
CA LEU G 35 -63.82 3.94 58.75
C LEU G 35 -63.90 2.84 59.80
N GLU G 36 -65.10 2.57 60.33
CA GLU G 36 -65.27 1.49 61.30
C GLU G 36 -65.13 0.12 60.65
N ARG G 37 -65.28 0.01 59.33
CA ARG G 37 -65.15 -1.28 58.68
C ARG G 37 -63.69 -1.68 58.51
N LEU G 38 -62.81 -0.70 58.29
CA LEU G 38 -61.38 -0.92 58.14
C LEU G 38 -60.80 -1.51 59.42
N PRO G 39 -61.43 -1.28 60.56
CA PRO G 39 -60.92 -1.86 61.81
C PRO G 39 -60.93 -3.37 61.81
N LEU G 40 -61.88 -4.00 61.11
CA LEU G 40 -61.94 -5.46 61.06
C LEU G 40 -60.69 -6.03 60.40
N CYS G 41 -60.40 -5.60 59.17
CA CYS G 41 -59.22 -6.10 58.49
C CYS G 41 -57.93 -5.62 59.15
N GLY G 42 -57.97 -4.44 59.78
CA GLY G 42 -56.80 -3.99 60.51
C GLY G 42 -56.46 -4.88 61.69
N LYS G 43 -57.46 -5.25 62.50
CA LYS G 43 -57.25 -6.21 63.57
C LYS G 43 -56.90 -7.59 63.03
N ALA G 44 -57.45 -7.97 61.88
CA ALA G 44 -57.08 -9.24 61.28
C ALA G 44 -55.60 -9.28 60.94
N PHE G 45 -55.08 -8.18 60.38
CA PHE G 45 -53.64 -8.12 60.10
C PHE G 45 -52.83 -8.08 61.39
N ALA G 46 -53.29 -7.31 62.39
CA ALA G 46 -52.56 -7.22 63.64
C ALA G 46 -52.47 -8.58 64.32
N ASP G 47 -53.50 -9.41 64.16
CA ASP G 47 -53.41 -10.78 64.67
C ASP G 47 -52.59 -11.67 63.75
N MET G 48 -52.57 -11.37 62.45
CA MET G 48 -51.82 -12.14 61.47
C MET G 48 -50.34 -11.81 61.46
N MET G 49 -49.90 -10.81 62.22
CA MET G 49 -48.48 -10.50 62.34
C MET G 49 -47.72 -11.54 63.14
N GLY G 50 -48.41 -12.49 63.77
CA GLY G 50 -47.76 -13.54 64.53
C GLY G 50 -46.98 -14.54 63.69
N LYS G 51 -47.14 -14.51 62.37
CA LYS G 51 -46.38 -15.40 61.50
C LYS G 51 -44.90 -15.02 61.50
N VAL G 52 -44.60 -13.75 61.28
CA VAL G 52 -43.23 -13.26 61.32
C VAL G 52 -42.79 -13.13 62.77
N ASP G 53 -41.55 -13.49 63.05
CA ASP G 53 -41.02 -13.41 64.40
C ASP G 53 -40.52 -12.00 64.70
N VAL G 54 -40.11 -11.80 65.96
CA VAL G 54 -39.59 -10.50 66.38
C VAL G 54 -38.31 -10.15 65.64
N TRP G 55 -37.43 -11.14 65.43
CA TRP G 55 -36.20 -10.89 64.69
C TRP G 55 -36.47 -10.67 63.21
N LYS G 56 -37.61 -11.11 62.71
CA LYS G 56 -37.99 -10.95 61.31
C LYS G 56 -39.21 -10.04 61.16
N TRP G 57 -39.25 -8.97 61.95
CA TRP G 57 -40.36 -8.03 61.87
C TRP G 57 -40.39 -7.33 60.52
N CYS G 58 -39.22 -6.92 60.03
CA CYS G 58 -39.10 -6.31 58.70
C CYS G 58 -38.74 -7.31 57.61
N ASN G 59 -39.17 -8.57 57.76
CA ASN G 59 -38.97 -9.58 56.73
C ASN G 59 -39.83 -9.19 55.53
N LEU G 60 -39.19 -8.71 54.46
CA LEU G 60 -39.94 -8.13 53.35
C LEU G 60 -40.71 -9.18 52.58
N SER G 61 -40.02 -10.14 51.97
CA SER G 61 -40.62 -11.06 51.01
C SER G 61 -41.60 -12.03 51.64
N GLU G 62 -41.93 -11.82 52.91
CA GLU G 62 -42.83 -12.70 53.64
C GLU G 62 -44.26 -12.18 53.72
N PHE G 63 -44.46 -10.89 53.98
CA PHE G 63 -45.76 -10.38 54.39
C PHE G 63 -46.39 -9.43 53.37
N ILE G 64 -45.77 -9.24 52.20
CA ILE G 64 -46.37 -8.33 51.23
C ILE G 64 -47.64 -8.91 50.61
N VAL G 65 -47.79 -10.24 50.62
CA VAL G 65 -49.03 -10.83 50.15
C VAL G 65 -50.19 -10.44 51.08
N TYR G 66 -49.98 -10.57 52.39
CA TYR G 66 -51.00 -10.12 53.33
C TYR G 66 -51.18 -8.62 53.30
N TYR G 67 -50.12 -7.87 52.97
CA TYR G 67 -50.24 -6.42 52.87
C TYR G 67 -51.10 -6.03 51.67
N GLU G 68 -50.96 -6.76 50.56
CA GLU G 68 -51.84 -6.55 49.41
C GLU G 68 -53.27 -6.94 49.75
N SER G 69 -53.44 -8.03 50.51
CA SER G 69 -54.77 -8.41 50.97
C SER G 69 -55.38 -7.32 51.83
N PHE G 70 -54.56 -6.65 52.66
CA PHE G 70 -55.06 -5.58 53.51
C PHE G 70 -55.39 -4.32 52.70
N THR G 71 -54.61 -4.02 51.66
CA THR G 71 -54.96 -2.91 50.80
C THR G 71 -56.27 -3.17 50.08
N ASN G 72 -56.49 -4.41 49.61
CA ASN G 72 -57.78 -4.76 49.03
C ASN G 72 -58.89 -4.71 50.08
N CYS G 73 -58.57 -5.05 51.33
CA CYS G 73 -59.52 -4.91 52.43
C CYS G 73 -59.97 -3.48 52.59
N THR G 74 -59.00 -2.55 52.59
CA THR G 74 -59.34 -1.13 52.71
C THR G 74 -60.14 -0.65 51.51
N GLU G 75 -59.79 -1.13 50.32
CA GLU G 75 -60.57 -0.78 49.12
C GLU G 75 -62.00 -1.26 49.23
N MET G 76 -62.20 -2.48 49.77
CA MET G 76 -63.56 -3.01 49.92
C MET G 76 -64.32 -2.27 51.00
N GLU G 77 -63.64 -1.89 52.09
CA GLU G 77 -64.28 -1.09 53.11
C GLU G 77 -64.68 0.28 52.57
N ALA G 78 -63.91 0.81 51.62
CA ALA G 78 -64.30 2.01 50.91
C ALA G 78 -65.32 1.65 49.83
N ASN G 79 -65.60 2.60 48.93
CA ASN G 79 -66.56 2.43 47.83
C ASN G 79 -67.97 2.14 48.33
N VAL G 80 -68.25 2.35 49.61
CA VAL G 80 -69.58 2.14 50.15
C VAL G 80 -70.22 3.42 50.68
N VAL G 81 -69.44 4.47 50.92
CA VAL G 81 -69.98 5.75 51.40
C VAL G 81 -69.71 6.89 50.43
N GLY G 82 -68.93 6.67 49.39
CA GLY G 82 -68.62 7.73 48.44
C GLY G 82 -67.16 8.10 48.42
N CYS G 83 -66.28 7.13 48.65
CA CYS G 83 -64.84 7.36 48.69
C CYS G 83 -64.14 6.31 47.84
N TYR G 84 -63.04 6.72 47.21
CA TYR G 84 -62.23 5.83 46.39
C TYR G 84 -61.23 5.07 47.27
N TRP G 85 -60.32 4.34 46.63
CA TRP G 85 -59.32 3.60 47.38
C TRP G 85 -58.34 4.50 48.12
N PRO G 86 -57.71 5.53 47.49
CA PRO G 86 -56.92 6.48 48.26
C PRO G 86 -57.83 7.56 48.88
N ASN G 87 -57.96 7.52 50.20
CA ASN G 87 -58.82 8.44 50.91
C ASN G 87 -58.08 9.09 52.07
N PRO G 88 -58.49 10.31 52.46
CA PRO G 88 -57.90 10.92 53.65
C PRO G 88 -58.08 10.09 54.90
N LEU G 89 -59.22 9.42 55.05
CA LEU G 89 -59.39 8.49 56.16
C LEU G 89 -58.39 7.34 56.07
N ALA G 90 -58.10 6.89 54.85
CA ALA G 90 -57.02 5.92 54.69
C ALA G 90 -55.67 6.51 55.06
N GLN G 91 -55.41 7.75 54.66
CA GLN G 91 -54.17 8.43 55.03
C GLN G 91 -54.03 8.57 56.55
N GLY G 92 -55.15 8.61 57.28
CA GLY G 92 -55.12 8.69 58.73
C GLY G 92 -55.15 7.36 59.46
N PHE G 93 -55.64 6.30 58.82
CA PHE G 93 -55.71 4.98 59.44
C PHE G 93 -54.48 4.13 59.14
N ILE G 94 -54.11 3.99 57.87
CA ILE G 94 -52.99 3.13 57.48
C ILE G 94 -51.66 3.59 58.10
N THR G 95 -51.52 4.88 58.42
CA THR G 95 -50.29 5.32 59.07
C THR G 95 -50.14 4.66 60.44
N GLY G 96 -51.21 4.67 61.25
CA GLY G 96 -51.15 3.97 62.52
C GLY G 96 -51.09 2.47 62.36
N ILE G 97 -51.78 1.94 61.34
CA ILE G 97 -51.73 0.51 61.06
C ILE G 97 -50.30 0.07 60.80
N HIS G 98 -49.54 0.87 60.08
CA HIS G 98 -48.14 0.55 59.76
C HIS G 98 -47.19 0.87 60.90
N ARG G 99 -47.54 1.82 61.78
CA ARG G 99 -46.65 2.23 62.84
C ARG G 99 -46.81 1.40 64.12
N GLN G 100 -47.95 0.73 64.32
CA GLN G 100 -48.18 0.07 65.61
C GLN G 100 -47.17 -1.04 65.89
N PHE G 101 -46.87 -1.88 64.90
CA PHE G 101 -45.95 -3.01 65.15
C PHE G 101 -44.54 -2.77 64.64
N PHE G 102 -44.37 -2.41 63.36
CA PHE G 102 -43.05 -2.38 62.74
C PHE G 102 -42.53 -0.94 62.73
N SER G 103 -41.74 -0.63 63.74
CA SER G 103 -41.07 0.67 63.86
C SER G 103 -39.57 0.46 64.02
N ASN G 104 -38.84 1.57 63.93
CA ASN G 104 -37.38 1.61 64.09
C ASN G 104 -36.67 0.70 63.11
N CYS G 105 -37.19 0.56 61.90
CA CYS G 105 -36.58 -0.29 60.86
C CYS G 105 -36.39 0.55 59.61
N THR G 106 -35.13 0.74 59.21
CA THR G 106 -34.81 1.61 58.09
C THR G 106 -35.17 0.94 56.76
N VAL G 107 -35.51 1.77 55.77
CA VAL G 107 -35.89 1.24 54.46
C VAL G 107 -34.66 0.91 53.64
N ASP G 108 -33.56 1.67 53.82
CA ASP G 108 -32.32 1.47 53.10
C ASP G 108 -32.54 1.55 51.59
N ARG G 109 -32.97 2.72 51.14
CA ARG G 109 -33.25 2.96 49.72
C ARG G 109 -32.00 3.46 49.01
N VAL G 110 -31.91 3.15 47.72
CA VAL G 110 -30.79 3.56 46.90
C VAL G 110 -31.09 4.92 46.28
N HIS G 111 -30.16 5.85 46.43
CA HIS G 111 -30.30 7.20 45.91
C HIS G 111 -29.56 7.30 44.58
N LEU G 112 -30.31 7.56 43.51
CA LEU G 112 -29.77 7.61 42.15
C LEU G 112 -30.11 8.98 41.56
N GLU G 113 -29.20 9.94 41.74
CA GLU G 113 -29.39 11.28 41.21
C GLU G 113 -28.06 11.84 40.73
N ASP G 114 -28.15 12.94 39.97
CA ASP G 114 -26.96 13.56 39.41
C ASP G 114 -26.15 14.26 40.51
N PRO G 115 -24.87 14.53 40.24
CA PRO G 115 -24.04 15.26 41.22
C PRO G 115 -24.58 16.66 41.49
N PRO G 116 -24.02 17.38 42.46
CA PRO G 116 -24.53 18.73 42.77
C PRO G 116 -24.15 19.77 41.73
N ASP G 117 -23.72 19.33 40.55
CA ASP G 117 -23.43 20.11 39.34
C ASP G 117 -22.12 20.88 39.44
N GLU G 118 -21.43 20.88 40.59
CA GLU G 118 -20.13 21.52 40.70
C GLU G 118 -18.98 20.54 40.60
N VAL G 119 -19.20 19.27 40.93
CA VAL G 119 -18.20 18.23 40.79
C VAL G 119 -18.41 17.39 39.54
N LEU G 120 -19.39 17.77 38.70
CA LEU G 120 -19.69 17.06 37.47
C LEU G 120 -19.02 17.70 36.25
N ILE G 121 -19.21 19.00 36.04
CA ILE G 121 -18.71 19.67 34.85
C ILE G 121 -17.18 19.71 34.81
N PRO G 122 -16.44 19.82 35.93
CA PRO G 122 -14.99 19.66 35.80
C PRO G 122 -14.59 18.24 35.43
N LEU G 123 -15.25 17.26 36.04
CA LEU G 123 -15.02 15.85 35.72
C LEU G 123 -15.39 15.52 34.29
N ILE G 124 -16.16 16.38 33.62
CA ILE G 124 -16.51 16.20 32.21
C ILE G 124 -15.55 16.94 31.30
N VAL G 125 -15.14 18.16 31.68
CA VAL G 125 -14.29 18.98 30.81
C VAL G 125 -12.81 18.67 30.95
N ILE G 126 -12.40 17.92 31.97
CA ILE G 126 -10.99 17.51 32.07
C ILE G 126 -10.66 16.46 31.01
N PRO G 127 -11.50 15.45 30.74
CA PRO G 127 -11.16 14.52 29.64
C PRO G 127 -11.04 15.18 28.28
N VAL G 128 -11.86 16.20 27.99
CA VAL G 128 -11.77 16.88 26.70
C VAL G 128 -10.44 17.62 26.59
N VAL G 129 -10.05 18.34 27.65
CA VAL G 129 -8.77 19.05 27.64
C VAL G 129 -7.61 18.06 27.51
N LEU G 130 -7.71 16.92 28.21
CA LEU G 130 -6.67 15.91 28.11
C LEU G 130 -6.58 15.35 26.70
N THR G 131 -7.73 15.13 26.06
CA THR G 131 -7.73 14.62 24.69
C THR G 131 -7.09 15.60 23.72
N VAL G 132 -7.47 16.88 23.80
CA VAL G 132 -6.89 17.85 22.88
C VAL G 132 -5.40 18.05 23.16
N ALA G 133 -5.00 17.99 24.44
CA ALA G 133 -3.59 18.12 24.77
C ALA G 133 -2.77 16.94 24.26
N MET G 134 -3.31 15.72 24.39
CA MET G 134 -2.60 14.55 23.90
C MET G 134 -2.53 14.55 22.38
N ALA G 135 -3.60 14.97 21.71
CA ALA G 135 -3.55 15.07 20.26
C ALA G 135 -2.50 16.09 19.82
N GLY G 136 -2.46 17.26 20.46
CA GLY G 136 -1.43 18.23 20.14
C GLY G 136 -0.04 17.73 20.43
N LEU G 137 0.12 16.96 21.51
CA LEU G 137 1.43 16.41 21.85
C LEU G 137 1.90 15.40 20.81
N VAL G 138 1.01 14.50 20.38
CA VAL G 138 1.38 13.54 19.34
C VAL G 138 1.70 14.26 18.04
N VAL G 139 0.94 15.30 17.71
CA VAL G 139 1.20 16.06 16.49
C VAL G 139 2.57 16.72 16.57
N TRP G 140 2.87 17.36 17.71
CA TRP G 140 4.14 18.06 17.87
C TRP G 140 5.31 17.08 17.86
N ARG G 141 5.14 15.90 18.42
CA ARG G 141 6.23 14.92 18.43
C ARG G 141 6.45 14.33 17.04
N SER G 142 5.37 13.95 16.35
CA SER G 142 5.50 13.37 15.03
C SER G 142 5.91 14.40 13.98
N LYS G 143 5.77 15.70 14.29
CA LYS G 143 6.13 16.72 13.31
C LYS G 143 7.63 16.76 13.07
N ARG G 144 8.42 16.68 14.12
CA ARG G 144 9.88 16.66 13.99
C ARG G 144 10.43 15.25 14.08
#